data_103D
# 
_entry.id   103D 
# 
_audit_conform.dict_name       mmcif_pdbx.dic 
_audit_conform.dict_version    5.392 
_audit_conform.dict_location   http://mmcif.pdb.org/dictionaries/ascii/mmcif_pdbx.dic 
# 
loop_
_database_2.database_id 
_database_2.database_code 
_database_2.pdbx_database_accession 
_database_2.pdbx_DOI 
PDB   103D         pdb_0000103d 10.2210/pdb103d/pdb 
WWPDB D_1000170007 ?            ?                   
# 
loop_
_pdbx_audit_revision_history.ordinal 
_pdbx_audit_revision_history.data_content_type 
_pdbx_audit_revision_history.major_revision 
_pdbx_audit_revision_history.minor_revision 
_pdbx_audit_revision_history.revision_date 
1 'Structure model' 1 0 1995-03-31 
2 'Structure model' 1 1 2008-03-24 
3 'Structure model' 1 2 2011-07-13 
4 'Structure model' 1 3 2022-02-16 
5 'Structure model' 1 4 2024-05-22 
# 
_pdbx_audit_revision_details.ordinal             1 
_pdbx_audit_revision_details.revision_ordinal    1 
_pdbx_audit_revision_details.data_content_type   'Structure model' 
_pdbx_audit_revision_details.provider            repository 
_pdbx_audit_revision_details.type                'Initial release' 
_pdbx_audit_revision_details.description         ? 
_pdbx_audit_revision_details.details             ? 
# 
loop_
_pdbx_audit_revision_group.ordinal 
_pdbx_audit_revision_group.revision_ordinal 
_pdbx_audit_revision_group.data_content_type 
_pdbx_audit_revision_group.group 
1 2 'Structure model' 'Version format compliance' 
2 3 'Structure model' 'Version format compliance' 
3 4 'Structure model' 'Data collection'           
4 4 'Structure model' 'Database references'       
5 4 'Structure model' 'Derived calculations'      
6 4 'Structure model' Other                       
7 5 'Structure model' 'Data collection'           
# 
loop_
_pdbx_audit_revision_category.ordinal 
_pdbx_audit_revision_category.revision_ordinal 
_pdbx_audit_revision_category.data_content_type 
_pdbx_audit_revision_category.category 
1 4 'Structure model' database_2            
2 4 'Structure model' pdbx_database_status  
3 4 'Structure model' pdbx_nmr_software     
4 4 'Structure model' pdbx_struct_assembly  
5 4 'Structure model' pdbx_struct_oper_list 
6 5 'Structure model' chem_comp_atom        
7 5 'Structure model' chem_comp_bond        
# 
loop_
_pdbx_audit_revision_item.ordinal 
_pdbx_audit_revision_item.revision_ordinal 
_pdbx_audit_revision_item.data_content_type 
_pdbx_audit_revision_item.item 
1 4 'Structure model' '_database_2.pdbx_DOI'                
2 4 'Structure model' '_database_2.pdbx_database_accession' 
3 4 'Structure model' '_pdbx_database_status.process_site'  
4 4 'Structure model' '_pdbx_nmr_software.name'             
# 
_pdbx_database_status.status_code                     REL 
_pdbx_database_status.entry_id                        103D 
_pdbx_database_status.recvd_initial_deposition_date   1994-12-16 
_pdbx_database_status.deposit_site                    ? 
_pdbx_database_status.process_site                    BNL 
_pdbx_database_status.SG_entry                        . 
_pdbx_database_status.status_code_sf                  ? 
_pdbx_database_status.status_code_mr                  ? 
_pdbx_database_status.pdb_format_compatible           Y 
_pdbx_database_status.status_code_cs                  ? 
_pdbx_database_status.status_code_nmr_data            ? 
_pdbx_database_status.methods_development_category    ? 
# 
loop_
_audit_author.name 
_audit_author.pdbx_ordinal 
'Chou, S.-H.' 1 
'Zhu, L.'     2 
'Reid, B.R.'  3 
# 
_citation.id                        primary 
_citation.title                     
'The unusual structure of the human centromere (GGA)2 motif. Unpaired guanosine residues stacked between sheared G.A pairs.' 
_citation.journal_abbrev            J.Mol.Biol. 
_citation.journal_volume            244 
_citation.page_first                259 
_citation.page_last                 268 
_citation.year                      1994 
_citation.journal_id_ASTM           JMOBAK 
_citation.country                   UK 
_citation.journal_id_ISSN           0022-2836 
_citation.journal_id_CSD            0070 
_citation.book_publisher            ? 
_citation.pdbx_database_id_PubMed   7966337 
_citation.pdbx_database_id_DOI      10.1006/jmbi.1994.1727 
# 
loop_
_citation_author.citation_id 
_citation_author.name 
_citation_author.ordinal 
_citation_author.identifier_ORCID 
primary 'Chou, S.H.' 1 ? 
primary 'Zhu, L.'    2 ? 
primary 'Reid, B.R.' 3 ? 
# 
_entity.id                         1 
_entity.type                       polymer 
_entity.src_method                 syn 
_entity.pdbx_description           
;DNA (5'-D(*GP*TP*GP*GP*AP*AP*TP*GP*GP*AP*AP*C)-3')
;
_entity.formula_weight             3751.466 
_entity.pdbx_number_of_molecules   2 
_entity.pdbx_ec                    ? 
_entity.pdbx_mutation              ? 
_entity.pdbx_fragment              ? 
_entity.details                    ? 
# 
_entity_keywords.entity_id   1 
_entity_keywords.text        'DEOXYRIBONUCLEIC ACID' 
# 
_entity_poly.entity_id                      1 
_entity_poly.type                           polydeoxyribonucleotide 
_entity_poly.nstd_linkage                   no 
_entity_poly.nstd_monomer                   no 
_entity_poly.pdbx_seq_one_letter_code       '(DG)(DT)(DG)(DG)(DA)(DA)(DT)(DG)(DG)(DA)(DA)(DC)' 
_entity_poly.pdbx_seq_one_letter_code_can   GTGGAATGGAAC 
_entity_poly.pdbx_strand_id                 A,B 
_entity_poly.pdbx_target_identifier         ? 
# 
loop_
_entity_poly_seq.entity_id 
_entity_poly_seq.num 
_entity_poly_seq.mon_id 
_entity_poly_seq.hetero 
1 1  DG n 
1 2  DT n 
1 3  DG n 
1 4  DG n 
1 5  DA n 
1 6  DA n 
1 7  DT n 
1 8  DG n 
1 9  DG n 
1 10 DA n 
1 11 DA n 
1 12 DC n 
# 
_pdbx_entity_src_syn.entity_id              1 
_pdbx_entity_src_syn.pdbx_src_id            1 
_pdbx_entity_src_syn.pdbx_alt_source_flag   sample 
_pdbx_entity_src_syn.pdbx_beg_seq_num       ? 
_pdbx_entity_src_syn.pdbx_end_seq_num       ? 
_pdbx_entity_src_syn.organism_scientific    ? 
_pdbx_entity_src_syn.organism_common_name   ? 
_pdbx_entity_src_syn.ncbi_taxonomy_id       ? 
_pdbx_entity_src_syn.details                'CHEMICALLY SYNTHESIZED' 
# 
loop_
_chem_comp.id 
_chem_comp.type 
_chem_comp.mon_nstd_flag 
_chem_comp.name 
_chem_comp.pdbx_synonyms 
_chem_comp.formula 
_chem_comp.formula_weight 
DA 'DNA linking' y "2'-DEOXYADENOSINE-5'-MONOPHOSPHATE" ? 'C10 H14 N5 O6 P' 331.222 
DC 'DNA linking' y "2'-DEOXYCYTIDINE-5'-MONOPHOSPHATE"  ? 'C9 H14 N3 O7 P'  307.197 
DG 'DNA linking' y "2'-DEOXYGUANOSINE-5'-MONOPHOSPHATE" ? 'C10 H14 N5 O7 P' 347.221 
DT 'DNA linking' y "THYMIDINE-5'-MONOPHOSPHATE"         ? 'C10 H15 N2 O8 P' 322.208 
# 
loop_
_pdbx_poly_seq_scheme.asym_id 
_pdbx_poly_seq_scheme.entity_id 
_pdbx_poly_seq_scheme.seq_id 
_pdbx_poly_seq_scheme.mon_id 
_pdbx_poly_seq_scheme.ndb_seq_num 
_pdbx_poly_seq_scheme.pdb_seq_num 
_pdbx_poly_seq_scheme.auth_seq_num 
_pdbx_poly_seq_scheme.pdb_mon_id 
_pdbx_poly_seq_scheme.auth_mon_id 
_pdbx_poly_seq_scheme.pdb_strand_id 
_pdbx_poly_seq_scheme.pdb_ins_code 
_pdbx_poly_seq_scheme.hetero 
A 1 1  DG 1  1  1  DG G A . n 
A 1 2  DT 2  2  2  DT T A . n 
A 1 3  DG 3  3  3  DG G A . n 
A 1 4  DG 4  4  4  DG G A . n 
A 1 5  DA 5  5  5  DA A A . n 
A 1 6  DA 6  6  6  DA A A . n 
A 1 7  DT 7  7  7  DT T A . n 
A 1 8  DG 8  8  8  DG G A . n 
A 1 9  DG 9  9  9  DG G A . n 
A 1 10 DA 10 10 10 DA A A . n 
A 1 11 DA 11 11 11 DA A A . n 
A 1 12 DC 12 12 12 DC C A . n 
B 1 1  DG 1  13 13 DG G B . n 
B 1 2  DT 2  14 14 DT T B . n 
B 1 3  DG 3  15 15 DG G B . n 
B 1 4  DG 4  16 16 DG G B . n 
B 1 5  DA 5  17 17 DA A B . n 
B 1 6  DA 6  18 18 DA A B . n 
B 1 7  DT 7  19 19 DT T B . n 
B 1 8  DG 8  20 20 DG G B . n 
B 1 9  DG 9  21 21 DG G B . n 
B 1 10 DA 10 22 22 DA A B . n 
B 1 11 DA 11 23 23 DA A B . n 
B 1 12 DC 12 24 24 DC C B . n 
# 
_software.name             AMBER 
_software.classification   refinement 
_software.version          . 
_software.citation_id      ? 
_software.pdbx_ordinal     1 
# 
_cell.entry_id           103D 
_cell.length_a           1.000 
_cell.length_b           1.000 
_cell.length_c           1.000 
_cell.angle_alpha        90.00 
_cell.angle_beta         90.00 
_cell.angle_gamma        90.00 
_cell.Z_PDB              1 
_cell.pdbx_unique_axis   ? 
# 
_symmetry.entry_id                         103D 
_symmetry.space_group_name_H-M             'P 1' 
_symmetry.pdbx_full_space_group_name_H-M   ? 
_symmetry.cell_setting                     ? 
_symmetry.Int_Tables_number                1 
# 
_exptl.entry_id          103D 
_exptl.method            'SOLUTION NMR' 
_exptl.crystals_number   ? 
# 
_struct.entry_id                  103D 
_struct.title                     
'THE UNUSUAL STRUCTURE OF THE HUMAN CENTROMERE (GGA)2 MOTIF: UNPAIRED GUANOSINE RESIDUES STACKED BETWEEN SHEARED G(DOT)A PAIRS' 
_struct.pdbx_model_details        ? 
_struct.pdbx_CASP_flag            ? 
_struct.pdbx_model_type_details   ? 
# 
_struct_keywords.entry_id        103D 
_struct_keywords.pdbx_keywords   DNA 
_struct_keywords.text            
'DNA, DOUBLE HELIX, G-G STACKING, G:A MISMATCH, HUMAN CENTROMERE REPEAT, GA-BRACKETED G-STACK MOTIF' 
# 
loop_
_struct_asym.id 
_struct_asym.pdbx_blank_PDB_chainid_flag 
_struct_asym.pdbx_modified 
_struct_asym.entity_id 
_struct_asym.details 
A N N 1 ? 
B N N 1 ? 
# 
_struct_ref.id                         1 
_struct_ref.entity_id                  1 
_struct_ref.db_name                    PDB 
_struct_ref.db_code                    103D 
_struct_ref.pdbx_db_accession          103D 
_struct_ref.pdbx_align_begin           ? 
_struct_ref.pdbx_seq_one_letter_code   ? 
_struct_ref.pdbx_db_isoform            ? 
# 
loop_
_struct_ref_seq.align_id 
_struct_ref_seq.ref_id 
_struct_ref_seq.pdbx_PDB_id_code 
_struct_ref_seq.pdbx_strand_id 
_struct_ref_seq.seq_align_beg 
_struct_ref_seq.pdbx_seq_align_beg_ins_code 
_struct_ref_seq.seq_align_end 
_struct_ref_seq.pdbx_seq_align_end_ins_code 
_struct_ref_seq.pdbx_db_accession 
_struct_ref_seq.db_align_beg 
_struct_ref_seq.pdbx_db_align_beg_ins_code 
_struct_ref_seq.db_align_end 
_struct_ref_seq.pdbx_db_align_end_ins_code 
_struct_ref_seq.pdbx_auth_seq_align_beg 
_struct_ref_seq.pdbx_auth_seq_align_end 
1 1 103D A 1 ? 12 ? 103D 1  ? 12 ? 1  12 
2 1 103D B 1 ? 12 ? 103D 13 ? 24 ? 13 24 
# 
_pdbx_struct_assembly.id                   1 
_pdbx_struct_assembly.details              author_defined_assembly 
_pdbx_struct_assembly.method_details       ? 
_pdbx_struct_assembly.oligomeric_details   dimeric 
_pdbx_struct_assembly.oligomeric_count     2 
# 
_pdbx_struct_assembly_gen.assembly_id       1 
_pdbx_struct_assembly_gen.oper_expression   1 
_pdbx_struct_assembly_gen.asym_id_list      A,B 
# 
_pdbx_struct_oper_list.id                   1 
_pdbx_struct_oper_list.type                 'identity operation' 
_pdbx_struct_oper_list.name                 1_555 
_pdbx_struct_oper_list.symmetry_operation   x,y,z 
_pdbx_struct_oper_list.matrix[1][1]         1.0000000000 
_pdbx_struct_oper_list.matrix[1][2]         0.0000000000 
_pdbx_struct_oper_list.matrix[1][3]         0.0000000000 
_pdbx_struct_oper_list.vector[1]            0.0000000000 
_pdbx_struct_oper_list.matrix[2][1]         0.0000000000 
_pdbx_struct_oper_list.matrix[2][2]         1.0000000000 
_pdbx_struct_oper_list.matrix[2][3]         0.0000000000 
_pdbx_struct_oper_list.vector[2]            0.0000000000 
_pdbx_struct_oper_list.matrix[3][1]         0.0000000000 
_pdbx_struct_oper_list.matrix[3][2]         0.0000000000 
_pdbx_struct_oper_list.matrix[3][3]         1.0000000000 
_pdbx_struct_oper_list.vector[3]            0.0000000000 
# 
_struct_biol.id        1 
_struct_biol.details   ? 
# 
loop_
_struct_conn.id 
_struct_conn.conn_type_id 
_struct_conn.pdbx_leaving_atom_flag 
_struct_conn.pdbx_PDB_id 
_struct_conn.ptnr1_label_asym_id 
_struct_conn.ptnr1_label_comp_id 
_struct_conn.ptnr1_label_seq_id 
_struct_conn.ptnr1_label_atom_id 
_struct_conn.pdbx_ptnr1_label_alt_id 
_struct_conn.pdbx_ptnr1_PDB_ins_code 
_struct_conn.pdbx_ptnr1_standard_comp_id 
_struct_conn.ptnr1_symmetry 
_struct_conn.ptnr2_label_asym_id 
_struct_conn.ptnr2_label_comp_id 
_struct_conn.ptnr2_label_seq_id 
_struct_conn.ptnr2_label_atom_id 
_struct_conn.pdbx_ptnr2_label_alt_id 
_struct_conn.pdbx_ptnr2_PDB_ins_code 
_struct_conn.ptnr1_auth_asym_id 
_struct_conn.ptnr1_auth_comp_id 
_struct_conn.ptnr1_auth_seq_id 
_struct_conn.ptnr2_auth_asym_id 
_struct_conn.ptnr2_auth_comp_id 
_struct_conn.ptnr2_auth_seq_id 
_struct_conn.ptnr2_symmetry 
_struct_conn.pdbx_ptnr3_label_atom_id 
_struct_conn.pdbx_ptnr3_label_seq_id 
_struct_conn.pdbx_ptnr3_label_comp_id 
_struct_conn.pdbx_ptnr3_label_asym_id 
_struct_conn.pdbx_ptnr3_label_alt_id 
_struct_conn.pdbx_ptnr3_PDB_ins_code 
_struct_conn.details 
_struct_conn.pdbx_dist_value 
_struct_conn.pdbx_value_order 
_struct_conn.pdbx_role 
hydrog1  hydrog ? ? A DG 1  N1 ? ? ? 1_555 B DA 11 N1 ? ? A DG 1  B DA 23 1_555 ? ? ? ? ? ? TYPE_8_PAIR  ? ? ? 
hydrog2  hydrog ? ? A DG 1  O6 ? ? ? 1_555 B DA 11 N6 ? ? A DG 1  B DA 23 1_555 ? ? ? ? ? ? TYPE_8_PAIR  ? ? ? 
hydrog3  hydrog ? ? A DG 1  N1 ? ? ? 1_555 B DC 12 N3 ? ? A DG 1  B DC 24 1_555 ? ? ? ? ? ? WATSON-CRICK ? ? ? 
hydrog4  hydrog ? ? A DG 1  N2 ? ? ? 1_555 B DC 12 O2 ? ? A DG 1  B DC 24 1_555 ? ? ? ? ? ? WATSON-CRICK ? ? ? 
hydrog5  hydrog ? ? A DG 1  O6 ? ? ? 1_555 B DC 12 N4 ? ? A DG 1  B DC 24 1_555 ? ? ? ? ? ? WATSON-CRICK ? ? ? 
hydrog6  hydrog ? ? A DT 2  O2 ? ? ? 1_555 B DA 10 N6 ? ? A DT 2  B DA 22 1_555 ? ? ? ? ? ? 'DT-DA PAIR' ? ? ? 
hydrog7  hydrog ? ? A DT 2  N3 ? ? ? 1_555 B DA 11 N1 ? ? A DT 2  B DA 23 1_555 ? ? ? ? ? ? WATSON-CRICK ? ? ? 
hydrog8  hydrog ? ? A DT 2  O4 ? ? ? 1_555 B DA 11 N6 ? ? A DT 2  B DA 23 1_555 ? ? ? ? ? ? WATSON-CRICK ? ? ? 
hydrog9  hydrog ? ? A DG 3  N2 ? ? ? 1_555 B DA 10 N7 ? ? A DG 3  B DA 22 1_555 ? ? ? ? ? ? TYPE_11_PAIR ? ? ? 
hydrog10 hydrog ? ? A DG 3  N3 ? ? ? 1_555 B DA 10 N6 ? ? A DG 3  B DA 22 1_555 ? ? ? ? ? ? TYPE_11_PAIR ? ? ? 
hydrog11 hydrog ? ? A DA 5  N6 ? ? ? 1_555 B DT 7  O2 ? ? A DA 5  B DT 19 1_555 ? ? ? ? ? ? 'DA-DT PAIR' ? ? ? 
hydrog12 hydrog ? ? A DA 5  N6 ? ? ? 1_555 B DG 8  N3 ? ? A DA 5  B DG 20 1_555 ? ? ? ? ? ? TYPE_11_PAIR ? ? ? 
hydrog13 hydrog ? ? A DA 5  N7 ? ? ? 1_555 B DG 8  N2 ? ? A DA 5  B DG 20 1_555 ? ? ? ? ? ? TYPE_11_PAIR ? ? ? 
hydrog14 hydrog ? ? A DA 6  N1 ? ? ? 1_555 B DT 7  N3 ? ? A DA 6  B DT 19 1_555 ? ? ? ? ? ? WATSON-CRICK ? ? ? 
hydrog15 hydrog ? ? A DA 6  N6 ? ? ? 1_555 B DT 7  O4 ? ? A DA 6  B DT 19 1_555 ? ? ? ? ? ? WATSON-CRICK ? ? ? 
hydrog16 hydrog ? ? A DT 7  O2 ? ? ? 1_555 B DA 5  N6 ? ? A DT 7  B DA 17 1_555 ? ? ? ? ? ? 'DT-DA PAIR' ? ? ? 
hydrog17 hydrog ? ? A DT 7  N3 ? ? ? 1_555 B DA 6  N1 ? ? A DT 7  B DA 18 1_555 ? ? ? ? ? ? WATSON-CRICK ? ? ? 
hydrog18 hydrog ? ? A DT 7  O4 ? ? ? 1_555 B DA 6  N6 ? ? A DT 7  B DA 18 1_555 ? ? ? ? ? ? WATSON-CRICK ? ? ? 
hydrog19 hydrog ? ? A DG 8  N2 ? ? ? 1_555 B DA 5  N7 ? ? A DG 8  B DA 17 1_555 ? ? ? ? ? ? TYPE_11_PAIR ? ? ? 
hydrog20 hydrog ? ? A DG 8  N3 ? ? ? 1_555 B DA 5  N6 ? ? A DG 8  B DA 17 1_555 ? ? ? ? ? ? TYPE_11_PAIR ? ? ? 
hydrog21 hydrog ? ? A DA 10 N6 ? ? ? 1_555 B DT 2  O2 ? ? A DA 10 B DT 14 1_555 ? ? ? ? ? ? 'DA-DT PAIR' ? ? ? 
hydrog22 hydrog ? ? A DA 10 N6 ? ? ? 1_555 B DG 3  N3 ? ? A DA 10 B DG 15 1_555 ? ? ? ? ? ? TYPE_11_PAIR ? ? ? 
hydrog23 hydrog ? ? A DA 10 N7 ? ? ? 1_555 B DG 3  N2 ? ? A DA 10 B DG 15 1_555 ? ? ? ? ? ? TYPE_11_PAIR ? ? ? 
hydrog24 hydrog ? ? A DA 11 N1 ? ? ? 1_555 B DG 1  N1 ? ? A DA 11 B DG 13 1_555 ? ? ? ? ? ? TYPE_8_PAIR  ? ? ? 
hydrog25 hydrog ? ? A DA 11 N6 ? ? ? 1_555 B DG 1  O6 ? ? A DA 11 B DG 13 1_555 ? ? ? ? ? ? TYPE_8_PAIR  ? ? ? 
hydrog26 hydrog ? ? A DA 11 N1 ? ? ? 1_555 B DT 2  N3 ? ? A DA 11 B DT 14 1_555 ? ? ? ? ? ? WATSON-CRICK ? ? ? 
hydrog27 hydrog ? ? A DA 11 N6 ? ? ? 1_555 B DT 2  O4 ? ? A DA 11 B DT 14 1_555 ? ? ? ? ? ? WATSON-CRICK ? ? ? 
hydrog28 hydrog ? ? A DC 12 N3 ? ? ? 1_555 B DG 1  N1 ? ? A DC 12 B DG 13 1_555 ? ? ? ? ? ? WATSON-CRICK ? ? ? 
hydrog29 hydrog ? ? A DC 12 N4 ? ? ? 1_555 B DG 1  O6 ? ? A DC 12 B DG 13 1_555 ? ? ? ? ? ? WATSON-CRICK ? ? ? 
hydrog30 hydrog ? ? A DC 12 O2 ? ? ? 1_555 B DG 1  N2 ? ? A DC 12 B DG 13 1_555 ? ? ? ? ? ? WATSON-CRICK ? ? ? 
# 
_struct_conn_type.id          hydrog 
_struct_conn_type.criteria    ? 
_struct_conn_type.reference   ? 
# 
loop_
_pdbx_validate_rmsd_angle.id 
_pdbx_validate_rmsd_angle.PDB_model_num 
_pdbx_validate_rmsd_angle.auth_atom_id_1 
_pdbx_validate_rmsd_angle.auth_asym_id_1 
_pdbx_validate_rmsd_angle.auth_comp_id_1 
_pdbx_validate_rmsd_angle.auth_seq_id_1 
_pdbx_validate_rmsd_angle.PDB_ins_code_1 
_pdbx_validate_rmsd_angle.label_alt_id_1 
_pdbx_validate_rmsd_angle.auth_atom_id_2 
_pdbx_validate_rmsd_angle.auth_asym_id_2 
_pdbx_validate_rmsd_angle.auth_comp_id_2 
_pdbx_validate_rmsd_angle.auth_seq_id_2 
_pdbx_validate_rmsd_angle.PDB_ins_code_2 
_pdbx_validate_rmsd_angle.label_alt_id_2 
_pdbx_validate_rmsd_angle.auth_atom_id_3 
_pdbx_validate_rmsd_angle.auth_asym_id_3 
_pdbx_validate_rmsd_angle.auth_comp_id_3 
_pdbx_validate_rmsd_angle.auth_seq_id_3 
_pdbx_validate_rmsd_angle.PDB_ins_code_3 
_pdbx_validate_rmsd_angle.label_alt_id_3 
_pdbx_validate_rmsd_angle.angle_value 
_pdbx_validate_rmsd_angle.angle_target_value 
_pdbx_validate_rmsd_angle.angle_deviation 
_pdbx_validate_rmsd_angle.angle_standard_deviation 
_pdbx_validate_rmsd_angle.linker_flag 
1  1 "O4'" A DG 1  ? ? "C1'" A DG 1  ? ? N9 A DG 1  ? ? 110.21 108.30 1.91 0.30 N 
2  1 "O4'" A DA 5  ? ? "C1'" A DA 5  ? ? N9 A DA 5  ? ? 111.39 108.30 3.09 0.30 N 
3  1 "O4'" A DA 6  ? ? "C1'" A DA 6  ? ? N9 A DA 6  ? ? 110.48 108.30 2.18 0.30 N 
4  1 "O4'" A DT 7  ? ? "C1'" A DT 7  ? ? N1 A DT 7  ? ? 110.81 108.30 2.51 0.30 N 
5  1 "O4'" A DA 10 ? ? "C1'" A DA 10 ? ? N9 A DA 10 ? ? 111.00 108.30 2.70 0.30 N 
6  1 "O4'" A DA 11 ? ? "C1'" A DA 11 ? ? N9 A DA 11 ? ? 110.33 108.30 2.03 0.30 N 
7  1 "O4'" A DC 12 ? ? "C1'" A DC 12 ? ? N1 A DC 12 ? ? 110.78 108.30 2.48 0.30 N 
8  1 "O4'" B DG 13 ? ? "C1'" B DG 13 ? ? N9 B DG 13 ? ? 110.18 108.30 1.88 0.30 N 
9  1 "O4'" B DT 14 ? ? "C1'" B DT 14 ? ? N1 B DT 14 ? ? 110.13 108.30 1.83 0.30 N 
10 1 "O4'" B DA 17 ? ? "C1'" B DA 17 ? ? N9 B DA 17 ? ? 111.37 108.30 3.07 0.30 N 
11 1 "O4'" B DA 18 ? ? "C1'" B DA 18 ? ? N9 B DA 18 ? ? 110.56 108.30 2.26 0.30 N 
12 1 "O4'" B DT 19 ? ? "C1'" B DT 19 ? ? N1 B DT 19 ? ? 110.79 108.30 2.49 0.30 N 
13 1 "O4'" B DA 22 ? ? "C1'" B DA 22 ? ? N9 B DA 22 ? ? 111.02 108.30 2.72 0.30 N 
14 1 "O4'" B DA 23 ? ? "C1'" B DA 23 ? ? N9 B DA 23 ? ? 110.20 108.30 1.90 0.30 N 
15 1 "O4'" B DC 24 ? ? "C1'" B DC 24 ? ? N1 B DC 24 ? ? 110.71 108.30 2.41 0.30 N 
# 
loop_
_pdbx_validate_planes.id 
_pdbx_validate_planes.PDB_model_num 
_pdbx_validate_planes.auth_comp_id 
_pdbx_validate_planes.auth_asym_id 
_pdbx_validate_planes.auth_seq_id 
_pdbx_validate_planes.PDB_ins_code 
_pdbx_validate_planes.label_alt_id 
_pdbx_validate_planes.rmsd 
_pdbx_validate_planes.type 
1 1 DT A 2  ? ? 0.060 'SIDE CHAIN' 
2 1 DT B 14 ? ? 0.060 'SIDE CHAIN' 
# 
_pdbx_nmr_ensemble.entry_id                                      103D 
_pdbx_nmr_ensemble.conformers_calculated_total_number            ? 
_pdbx_nmr_ensemble.conformers_submitted_total_number             1 
_pdbx_nmr_ensemble.conformer_selection_criteria                  ? 
_pdbx_nmr_ensemble.average_constraints_per_residue               ? 
_pdbx_nmr_ensemble.average_constraint_violations_per_residue     ? 
_pdbx_nmr_ensemble.maximum_distance_constraint_violation         ? 
_pdbx_nmr_ensemble.average_distance_constraint_violation         ? 
_pdbx_nmr_ensemble.maximum_upper_distance_constraint_violation   ? 
_pdbx_nmr_ensemble.maximum_lower_distance_constraint_violation   ? 
_pdbx_nmr_ensemble.distance_constraint_violation_method          ? 
_pdbx_nmr_ensemble.maximum_torsion_angle_constraint_violation    ? 
_pdbx_nmr_ensemble.average_torsion_angle_constraint_violation    ? 
_pdbx_nmr_ensemble.torsion_angle_constraint_violation_method     ? 
# 
_pdbx_nmr_refine.entry_id           103D 
_pdbx_nmr_refine.method             ? 
_pdbx_nmr_refine.details            
;R VALUE 0.250 FINAL RMS COORD. SHIFT 0.65 ANGSTROMS NUMBER OF ATOMS USED IN REFINEMENT. NUMBER OF PROTEIN ATOMS 0 NUMBER OF NUCLEIC ACID ATOMS 772 NUMBER OF HETEROGEN ATOMS 0 NUMBER OF SOLVENT ATOMS 0. THE DUPLEX CONTAINS UNPAIRED STAGGERED GUANOSINE RESIDUES, WHICH CO-STACK BY INTERCALATION BETWEEN SHEARED G(DOT)A AND A(DOT)G BASE-PAIRS TO FORM AN INTERESTING NEW STRUCTURAL MOTIF, THE GA-BRACKETED G-STACK.  THE TGGAA REPEAT UNIT CONTAINS SIX "STEPS", FOUR OF WHICH ARE NOT WATSON-CRICK BASE-PAIRS.
;
_pdbx_nmr_refine.software_ordinal   1 
# 
_pdbx_nmr_software.name             Discover 
_pdbx_nmr_software.version          ? 
_pdbx_nmr_software.classification   refinement 
_pdbx_nmr_software.authors          'BIOSYM TECHNOLOGIES, INC.' 
_pdbx_nmr_software.ordinal          1 
# 
loop_
_chem_comp_atom.comp_id 
_chem_comp_atom.atom_id 
_chem_comp_atom.type_symbol 
_chem_comp_atom.pdbx_aromatic_flag 
_chem_comp_atom.pdbx_stereo_config 
_chem_comp_atom.pdbx_ordinal 
DA OP3    O N N 1   
DA P      P N N 2   
DA OP1    O N N 3   
DA OP2    O N N 4   
DA "O5'"  O N N 5   
DA "C5'"  C N N 6   
DA "C4'"  C N R 7   
DA "O4'"  O N N 8   
DA "C3'"  C N S 9   
DA "O3'"  O N N 10  
DA "C2'"  C N N 11  
DA "C1'"  C N R 12  
DA N9     N Y N 13  
DA C8     C Y N 14  
DA N7     N Y N 15  
DA C5     C Y N 16  
DA C6     C Y N 17  
DA N6     N N N 18  
DA N1     N Y N 19  
DA C2     C Y N 20  
DA N3     N Y N 21  
DA C4     C Y N 22  
DA HOP3   H N N 23  
DA HOP2   H N N 24  
DA "H5'"  H N N 25  
DA "H5''" H N N 26  
DA "H4'"  H N N 27  
DA "H3'"  H N N 28  
DA "HO3'" H N N 29  
DA "H2'"  H N N 30  
DA "H2''" H N N 31  
DA "H1'"  H N N 32  
DA H8     H N N 33  
DA H61    H N N 34  
DA H62    H N N 35  
DA H2     H N N 36  
DC OP3    O N N 37  
DC P      P N N 38  
DC OP1    O N N 39  
DC OP2    O N N 40  
DC "O5'"  O N N 41  
DC "C5'"  C N N 42  
DC "C4'"  C N R 43  
DC "O4'"  O N N 44  
DC "C3'"  C N S 45  
DC "O3'"  O N N 46  
DC "C2'"  C N N 47  
DC "C1'"  C N R 48  
DC N1     N N N 49  
DC C2     C N N 50  
DC O2     O N N 51  
DC N3     N N N 52  
DC C4     C N N 53  
DC N4     N N N 54  
DC C5     C N N 55  
DC C6     C N N 56  
DC HOP3   H N N 57  
DC HOP2   H N N 58  
DC "H5'"  H N N 59  
DC "H5''" H N N 60  
DC "H4'"  H N N 61  
DC "H3'"  H N N 62  
DC "HO3'" H N N 63  
DC "H2'"  H N N 64  
DC "H2''" H N N 65  
DC "H1'"  H N N 66  
DC H41    H N N 67  
DC H42    H N N 68  
DC H5     H N N 69  
DC H6     H N N 70  
DG OP3    O N N 71  
DG P      P N N 72  
DG OP1    O N N 73  
DG OP2    O N N 74  
DG "O5'"  O N N 75  
DG "C5'"  C N N 76  
DG "C4'"  C N R 77  
DG "O4'"  O N N 78  
DG "C3'"  C N S 79  
DG "O3'"  O N N 80  
DG "C2'"  C N N 81  
DG "C1'"  C N R 82  
DG N9     N Y N 83  
DG C8     C Y N 84  
DG N7     N Y N 85  
DG C5     C Y N 86  
DG C6     C N N 87  
DG O6     O N N 88  
DG N1     N N N 89  
DG C2     C N N 90  
DG N2     N N N 91  
DG N3     N N N 92  
DG C4     C Y N 93  
DG HOP3   H N N 94  
DG HOP2   H N N 95  
DG "H5'"  H N N 96  
DG "H5''" H N N 97  
DG "H4'"  H N N 98  
DG "H3'"  H N N 99  
DG "HO3'" H N N 100 
DG "H2'"  H N N 101 
DG "H2''" H N N 102 
DG "H1'"  H N N 103 
DG H8     H N N 104 
DG H1     H N N 105 
DG H21    H N N 106 
DG H22    H N N 107 
DT OP3    O N N 108 
DT P      P N N 109 
DT OP1    O N N 110 
DT OP2    O N N 111 
DT "O5'"  O N N 112 
DT "C5'"  C N N 113 
DT "C4'"  C N R 114 
DT "O4'"  O N N 115 
DT "C3'"  C N S 116 
DT "O3'"  O N N 117 
DT "C2'"  C N N 118 
DT "C1'"  C N R 119 
DT N1     N N N 120 
DT C2     C N N 121 
DT O2     O N N 122 
DT N3     N N N 123 
DT C4     C N N 124 
DT O4     O N N 125 
DT C5     C N N 126 
DT C7     C N N 127 
DT C6     C N N 128 
DT HOP3   H N N 129 
DT HOP2   H N N 130 
DT "H5'"  H N N 131 
DT "H5''" H N N 132 
DT "H4'"  H N N 133 
DT "H3'"  H N N 134 
DT "HO3'" H N N 135 
DT "H2'"  H N N 136 
DT "H2''" H N N 137 
DT "H1'"  H N N 138 
DT H3     H N N 139 
DT H71    H N N 140 
DT H72    H N N 141 
DT H73    H N N 142 
DT H6     H N N 143 
# 
loop_
_chem_comp_bond.comp_id 
_chem_comp_bond.atom_id_1 
_chem_comp_bond.atom_id_2 
_chem_comp_bond.value_order 
_chem_comp_bond.pdbx_aromatic_flag 
_chem_comp_bond.pdbx_stereo_config 
_chem_comp_bond.pdbx_ordinal 
DA OP3   P      sing N N 1   
DA OP3   HOP3   sing N N 2   
DA P     OP1    doub N N 3   
DA P     OP2    sing N N 4   
DA P     "O5'"  sing N N 5   
DA OP2   HOP2   sing N N 6   
DA "O5'" "C5'"  sing N N 7   
DA "C5'" "C4'"  sing N N 8   
DA "C5'" "H5'"  sing N N 9   
DA "C5'" "H5''" sing N N 10  
DA "C4'" "O4'"  sing N N 11  
DA "C4'" "C3'"  sing N N 12  
DA "C4'" "H4'"  sing N N 13  
DA "O4'" "C1'"  sing N N 14  
DA "C3'" "O3'"  sing N N 15  
DA "C3'" "C2'"  sing N N 16  
DA "C3'" "H3'"  sing N N 17  
DA "O3'" "HO3'" sing N N 18  
DA "C2'" "C1'"  sing N N 19  
DA "C2'" "H2'"  sing N N 20  
DA "C2'" "H2''" sing N N 21  
DA "C1'" N9     sing N N 22  
DA "C1'" "H1'"  sing N N 23  
DA N9    C8     sing Y N 24  
DA N9    C4     sing Y N 25  
DA C8    N7     doub Y N 26  
DA C8    H8     sing N N 27  
DA N7    C5     sing Y N 28  
DA C5    C6     sing Y N 29  
DA C5    C4     doub Y N 30  
DA C6    N6     sing N N 31  
DA C6    N1     doub Y N 32  
DA N6    H61    sing N N 33  
DA N6    H62    sing N N 34  
DA N1    C2     sing Y N 35  
DA C2    N3     doub Y N 36  
DA C2    H2     sing N N 37  
DA N3    C4     sing Y N 38  
DC OP3   P      sing N N 39  
DC OP3   HOP3   sing N N 40  
DC P     OP1    doub N N 41  
DC P     OP2    sing N N 42  
DC P     "O5'"  sing N N 43  
DC OP2   HOP2   sing N N 44  
DC "O5'" "C5'"  sing N N 45  
DC "C5'" "C4'"  sing N N 46  
DC "C5'" "H5'"  sing N N 47  
DC "C5'" "H5''" sing N N 48  
DC "C4'" "O4'"  sing N N 49  
DC "C4'" "C3'"  sing N N 50  
DC "C4'" "H4'"  sing N N 51  
DC "O4'" "C1'"  sing N N 52  
DC "C3'" "O3'"  sing N N 53  
DC "C3'" "C2'"  sing N N 54  
DC "C3'" "H3'"  sing N N 55  
DC "O3'" "HO3'" sing N N 56  
DC "C2'" "C1'"  sing N N 57  
DC "C2'" "H2'"  sing N N 58  
DC "C2'" "H2''" sing N N 59  
DC "C1'" N1     sing N N 60  
DC "C1'" "H1'"  sing N N 61  
DC N1    C2     sing N N 62  
DC N1    C6     sing N N 63  
DC C2    O2     doub N N 64  
DC C2    N3     sing N N 65  
DC N3    C4     doub N N 66  
DC C4    N4     sing N N 67  
DC C4    C5     sing N N 68  
DC N4    H41    sing N N 69  
DC N4    H42    sing N N 70  
DC C5    C6     doub N N 71  
DC C5    H5     sing N N 72  
DC C6    H6     sing N N 73  
DG OP3   P      sing N N 74  
DG OP3   HOP3   sing N N 75  
DG P     OP1    doub N N 76  
DG P     OP2    sing N N 77  
DG P     "O5'"  sing N N 78  
DG OP2   HOP2   sing N N 79  
DG "O5'" "C5'"  sing N N 80  
DG "C5'" "C4'"  sing N N 81  
DG "C5'" "H5'"  sing N N 82  
DG "C5'" "H5''" sing N N 83  
DG "C4'" "O4'"  sing N N 84  
DG "C4'" "C3'"  sing N N 85  
DG "C4'" "H4'"  sing N N 86  
DG "O4'" "C1'"  sing N N 87  
DG "C3'" "O3'"  sing N N 88  
DG "C3'" "C2'"  sing N N 89  
DG "C3'" "H3'"  sing N N 90  
DG "O3'" "HO3'" sing N N 91  
DG "C2'" "C1'"  sing N N 92  
DG "C2'" "H2'"  sing N N 93  
DG "C2'" "H2''" sing N N 94  
DG "C1'" N9     sing N N 95  
DG "C1'" "H1'"  sing N N 96  
DG N9    C8     sing Y N 97  
DG N9    C4     sing Y N 98  
DG C8    N7     doub Y N 99  
DG C8    H8     sing N N 100 
DG N7    C5     sing Y N 101 
DG C5    C6     sing N N 102 
DG C5    C4     doub Y N 103 
DG C6    O6     doub N N 104 
DG C6    N1     sing N N 105 
DG N1    C2     sing N N 106 
DG N1    H1     sing N N 107 
DG C2    N2     sing N N 108 
DG C2    N3     doub N N 109 
DG N2    H21    sing N N 110 
DG N2    H22    sing N N 111 
DG N3    C4     sing N N 112 
DT OP3   P      sing N N 113 
DT OP3   HOP3   sing N N 114 
DT P     OP1    doub N N 115 
DT P     OP2    sing N N 116 
DT P     "O5'"  sing N N 117 
DT OP2   HOP2   sing N N 118 
DT "O5'" "C5'"  sing N N 119 
DT "C5'" "C4'"  sing N N 120 
DT "C5'" "H5'"  sing N N 121 
DT "C5'" "H5''" sing N N 122 
DT "C4'" "O4'"  sing N N 123 
DT "C4'" "C3'"  sing N N 124 
DT "C4'" "H4'"  sing N N 125 
DT "O4'" "C1'"  sing N N 126 
DT "C3'" "O3'"  sing N N 127 
DT "C3'" "C2'"  sing N N 128 
DT "C3'" "H3'"  sing N N 129 
DT "O3'" "HO3'" sing N N 130 
DT "C2'" "C1'"  sing N N 131 
DT "C2'" "H2'"  sing N N 132 
DT "C2'" "H2''" sing N N 133 
DT "C1'" N1     sing N N 134 
DT "C1'" "H1'"  sing N N 135 
DT N1    C2     sing N N 136 
DT N1    C6     sing N N 137 
DT C2    O2     doub N N 138 
DT C2    N3     sing N N 139 
DT N3    C4     sing N N 140 
DT N3    H3     sing N N 141 
DT C4    O4     doub N N 142 
DT C4    C5     sing N N 143 
DT C5    C7     sing N N 144 
DT C5    C6     doub N N 145 
DT C7    H71    sing N N 146 
DT C7    H72    sing N N 147 
DT C7    H73    sing N N 148 
DT C6    H6     sing N N 149 
# 
loop_
_ndb_struct_conf_na.entry_id 
_ndb_struct_conf_na.feature 
103D 'double helix'         
103D 'mismatched base pair' 
103D 'triple helix'         
# 
loop_
_ndb_struct_na_base_pair.model_number 
_ndb_struct_na_base_pair.i_label_asym_id 
_ndb_struct_na_base_pair.i_label_comp_id 
_ndb_struct_na_base_pair.i_label_seq_id 
_ndb_struct_na_base_pair.i_symmetry 
_ndb_struct_na_base_pair.j_label_asym_id 
_ndb_struct_na_base_pair.j_label_comp_id 
_ndb_struct_na_base_pair.j_label_seq_id 
_ndb_struct_na_base_pair.j_symmetry 
_ndb_struct_na_base_pair.shear 
_ndb_struct_na_base_pair.stretch 
_ndb_struct_na_base_pair.stagger 
_ndb_struct_na_base_pair.buckle 
_ndb_struct_na_base_pair.propeller 
_ndb_struct_na_base_pair.opening 
_ndb_struct_na_base_pair.pair_number 
_ndb_struct_na_base_pair.pair_name 
_ndb_struct_na_base_pair.i_auth_asym_id 
_ndb_struct_na_base_pair.i_auth_seq_id 
_ndb_struct_na_base_pair.i_PDB_ins_code 
_ndb_struct_na_base_pair.j_auth_asym_id 
_ndb_struct_na_base_pair.j_auth_seq_id 
_ndb_struct_na_base_pair.j_PDB_ins_code 
_ndb_struct_na_base_pair.hbond_type_28 
_ndb_struct_na_base_pair.hbond_type_12 
1 A DG 1  1_555 B DC 12 1_555 -0.698 -0.295 0.667 -7.334  8.154   0.964  1  A_DG1:DC24_B  A 1  ? B 24 ? 19 1 
1 A DT 2  1_555 B DA 11 1_555 0.276  -0.133 0.438 9.532   8.232   0.790  2  A_DT2:DA23_B  A 2  ? B 23 ? 20 1 
1 A DG 3  1_555 B DA 10 1_555 6.401  -4.264 1.175 27.084  -15.358 8.790  3  A_DG3:DA22_B  A 3  ? B 22 ? 11 9 
1 A DA 5  1_555 B DG 8  1_555 -6.364 -4.238 1.211 -29.347 -14.928 10.022 4  A_DA5:DG20_B  A 5  ? B 20 ? 11 9 
1 A DA 6  1_555 B DT 7  1_555 -0.225 -0.110 0.424 -10.770 10.139  0.687  5  A_DA6:DT19_B  A 6  ? B 19 ? 20 1 
1 A DT 7  1_555 B DA 6  1_555 0.218  -0.108 0.422 11.216  10.159  0.730  6  A_DT7:DA18_B  A 7  ? B 18 ? 20 1 
1 A DG 8  1_555 B DA 5  1_555 6.363  -4.240 1.212 29.274  -15.268 10.065 7  A_DG8:DA17_B  A 8  ? B 17 ? 11 9 
1 A DA 10 1_555 B DG 3  1_555 -6.396 -4.257 1.180 -27.086 -15.353 9.020  8  A_DA10:DG15_B A 10 ? B 15 ? 11 9 
1 A DA 11 1_555 B DT 2  1_555 -0.277 -0.136 0.448 -9.672  8.457   0.906  9  A_DA11:DT14_B A 11 ? B 14 ? 20 1 
1 A DC 12 1_555 B DG 1  1_555 0.701  -0.300 0.672 7.360   8.691   1.155  10 A_DC12:DG13_B A 12 ? B 13 ? 19 1 
# 
loop_
_ndb_struct_na_base_pair_step.model_number 
_ndb_struct_na_base_pair_step.i_label_asym_id_1 
_ndb_struct_na_base_pair_step.i_label_comp_id_1 
_ndb_struct_na_base_pair_step.i_label_seq_id_1 
_ndb_struct_na_base_pair_step.i_symmetry_1 
_ndb_struct_na_base_pair_step.j_label_asym_id_1 
_ndb_struct_na_base_pair_step.j_label_comp_id_1 
_ndb_struct_na_base_pair_step.j_label_seq_id_1 
_ndb_struct_na_base_pair_step.j_symmetry_1 
_ndb_struct_na_base_pair_step.i_label_asym_id_2 
_ndb_struct_na_base_pair_step.i_label_comp_id_2 
_ndb_struct_na_base_pair_step.i_label_seq_id_2 
_ndb_struct_na_base_pair_step.i_symmetry_2 
_ndb_struct_na_base_pair_step.j_label_asym_id_2 
_ndb_struct_na_base_pair_step.j_label_comp_id_2 
_ndb_struct_na_base_pair_step.j_label_seq_id_2 
_ndb_struct_na_base_pair_step.j_symmetry_2 
_ndb_struct_na_base_pair_step.shift 
_ndb_struct_na_base_pair_step.slide 
_ndb_struct_na_base_pair_step.rise 
_ndb_struct_na_base_pair_step.tilt 
_ndb_struct_na_base_pair_step.roll 
_ndb_struct_na_base_pair_step.twist 
_ndb_struct_na_base_pair_step.x_displacement 
_ndb_struct_na_base_pair_step.y_displacement 
_ndb_struct_na_base_pair_step.helical_rise 
_ndb_struct_na_base_pair_step.inclination 
_ndb_struct_na_base_pair_step.tip 
_ndb_struct_na_base_pair_step.helical_twist 
_ndb_struct_na_base_pair_step.step_number 
_ndb_struct_na_base_pair_step.step_name 
_ndb_struct_na_base_pair_step.i_auth_asym_id_1 
_ndb_struct_na_base_pair_step.i_auth_seq_id_1 
_ndb_struct_na_base_pair_step.i_PDB_ins_code_1 
_ndb_struct_na_base_pair_step.j_auth_asym_id_1 
_ndb_struct_na_base_pair_step.j_auth_seq_id_1 
_ndb_struct_na_base_pair_step.j_PDB_ins_code_1 
_ndb_struct_na_base_pair_step.i_auth_asym_id_2 
_ndb_struct_na_base_pair_step.i_auth_seq_id_2 
_ndb_struct_na_base_pair_step.i_PDB_ins_code_2 
_ndb_struct_na_base_pair_step.j_auth_asym_id_2 
_ndb_struct_na_base_pair_step.j_auth_seq_id_2 
_ndb_struct_na_base_pair_step.j_PDB_ins_code_2 
1 A DG 1  1_555 B DC 12 1_555 A DT 2  1_555 B DA 11 1_555 -0.042 -0.639 2.955 3.390  -0.207 35.187 -1.025 0.521  2.942 -0.341 
-5.591 35.345 1 AA_DG1DT2:DA23DC24_BB   A 1  ? B 24 ? A 2  ? B 23 ? 
1 A DT 2  1_555 B DA 11 1_555 A DG 3  1_555 B DA 10 1_555 0.270  1.321  2.930 2.693  4.658  58.657 1.125  -0.149 3.027 4.744  
-2.743 58.882 2 AA_DT2DG3:DA22DA23_BB   A 2  ? B 23 ? A 3  ? B 22 ? 
1 A DA 5  1_555 B DG 8  1_555 A DA 6  1_555 B DT 7  1_555 -0.377 1.185  2.934 -3.372 5.833  58.976 0.927  0.225  3.044 5.903  
3.413  59.325 3 AA_DA5DA6:DT19DG20_BB   A 5  ? B 20 ? A 6  ? B 19 ? 
1 A DA 6  1_555 B DT 7  1_555 A DT 7  1_555 B DA 6  1_555 0.004  -0.456 2.900 -0.083 2.341  32.747 -1.160 -0.020 2.862 4.145  
0.147  32.828 4 AA_DA6DT7:DA18DT19_BB   A 6  ? B 19 ? A 7  ? B 18 ? 
1 A DT 7  1_555 B DA 6  1_555 A DG 8  1_555 B DA 5  1_555 0.365  1.170  2.944 3.381  6.033  58.793 0.902  -0.212 3.055 6.122  
-3.431 59.162 5 AA_DT7DG8:DA17DA18_BB   A 7  ? B 18 ? A 8  ? B 17 ? 
1 A DA 10 1_555 B DG 3  1_555 A DA 11 1_555 B DT 2  1_555 -0.257 1.293  2.928 -2.819 4.846  58.353 1.091  0.128  3.026 4.958  
2.884  58.598 6 AA_DA10DA11:DT14DG15_BB A 10 ? B 15 ? A 11 ? B 14 ? 
1 A DA 11 1_555 B DT 2  1_555 A DC 12 1_555 B DG 1  1_555 0.047  -0.669 2.953 -3.300 -0.058 34.960 -1.101 -0.523 2.937 -0.096 
5.478  35.111 7 AA_DA11DC12:DG13DT14_BB A 11 ? B 14 ? A 12 ? B 13 ? 
# 
_atom_sites.entry_id                    103D 
_atom_sites.fract_transf_matrix[1][1]   1.000000 
_atom_sites.fract_transf_matrix[1][2]   0.000000 
_atom_sites.fract_transf_matrix[1][3]   0.000000 
_atom_sites.fract_transf_matrix[2][1]   0.000000 
_atom_sites.fract_transf_matrix[2][2]   1.000000 
_atom_sites.fract_transf_matrix[2][3]   0.000000 
_atom_sites.fract_transf_matrix[3][1]   0.000000 
_atom_sites.fract_transf_matrix[3][2]   0.000000 
_atom_sites.fract_transf_matrix[3][3]   1.000000 
_atom_sites.fract_transf_vector[1]      0.00000 
_atom_sites.fract_transf_vector[2]      0.00000 
_atom_sites.fract_transf_vector[3]      0.00000 
# 
loop_
_atom_type.symbol 
C 
H 
N 
O 
P 
# 
loop_
_atom_site.group_PDB 
_atom_site.id 
_atom_site.type_symbol 
_atom_site.label_atom_id 
_atom_site.label_alt_id 
_atom_site.label_comp_id 
_atom_site.label_asym_id 
_atom_site.label_entity_id 
_atom_site.label_seq_id 
_atom_site.pdbx_PDB_ins_code 
_atom_site.Cartn_x 
_atom_site.Cartn_y 
_atom_site.Cartn_z 
_atom_site.occupancy 
_atom_site.B_iso_or_equiv 
_atom_site.pdbx_formal_charge 
_atom_site.auth_seq_id 
_atom_site.auth_comp_id 
_atom_site.auth_asym_id 
_atom_site.auth_atom_id 
_atom_site.pdbx_PDB_model_num 
ATOM 1   O "O5'"  . DG A 1 1  ? 2.294   22.654  7.456   1.00 0.00 ? 1  DG A "O5'"  1 
ATOM 2   C "C5'"  . DG A 1 1  ? 3.282   23.434  6.815   1.00 0.00 ? 1  DG A "C5'"  1 
ATOM 3   C "C4'"  . DG A 1 1  ? 4.362   22.553  6.176   1.00 0.00 ? 1  DG A "C4'"  1 
ATOM 4   O "O4'"  . DG A 1 1  ? 4.996   21.779  7.185   1.00 0.00 ? 1  DG A "O4'"  1 
ATOM 5   C "C3'"  . DG A 1 1  ? 3.796   21.584  5.127   1.00 0.00 ? 1  DG A "C3'"  1 
ATOM 6   O "O3'"  . DG A 1 1  ? 4.668   21.557  4.008   1.00 0.00 ? 1  DG A "O3'"  1 
ATOM 7   C "C2'"  . DG A 1 1  ? 3.788   20.263  5.890   1.00 0.00 ? 1  DG A "C2'"  1 
ATOM 8   C "C1'"  . DG A 1 1  ? 5.015   20.423  6.782   1.00 0.00 ? 1  DG A "C1'"  1 
ATOM 9   N N9     . DG A 1 1  ? 4.962   19.537  7.967   1.00 0.00 ? 1  DG A N9     1 
ATOM 10  C C8     . DG A 1 1  ? 4.019   19.504  8.965   1.00 0.00 ? 1  DG A C8     1 
ATOM 11  N N7     . DG A 1 1  ? 4.263   18.636  9.906   1.00 0.00 ? 1  DG A N7     1 
ATOM 12  C C5     . DG A 1 1  ? 5.469   18.061  9.523   1.00 0.00 ? 1  DG A C5     1 
ATOM 13  C C6     . DG A 1 1  ? 6.253   17.060  10.174  1.00 0.00 ? 1  DG A C6     1 
ATOM 14  O O6     . DG A 1 1  ? 5.999   16.457  11.214  1.00 0.00 ? 1  DG A O6     1 
ATOM 15  N N1     . DG A 1 1  ? 7.437   16.788  9.494   1.00 0.00 ? 1  DG A N1     1 
ATOM 16  C C2     . DG A 1 1  ? 7.808   17.383  8.302   1.00 0.00 ? 1  DG A C2     1 
ATOM 17  N N2     . DG A 1 1  ? 8.974   17.009  7.769   1.00 0.00 ? 1  DG A N2     1 
ATOM 18  N N3     . DG A 1 1  ? 7.059   18.305  7.675   1.00 0.00 ? 1  DG A N3     1 
ATOM 19  C C4     . DG A 1 1  ? 5.909   18.607  8.339   1.00 0.00 ? 1  DG A C4     1 
ATOM 20  H "H5'"  . DG A 1 1  ? 3.745   24.091  7.553   1.00 0.00 ? 1  DG A "H5'"  1 
ATOM 21  H "H5''" . DG A 1 1  ? 2.809   24.047  6.047   1.00 0.00 ? 1  DG A "H5''" 1 
ATOM 22  H "H4'"  . DG A 1 1  ? 5.098   23.213  5.711   1.00 0.00 ? 1  DG A "H4'"  1 
ATOM 23  H "H3'"  . DG A 1 1  ? 2.793   21.874  4.811   1.00 0.00 ? 1  DG A "H3'"  1 
ATOM 24  H "H2'"  . DG A 1 1  ? 2.881   20.206  6.492   1.00 0.00 ? 1  DG A "H2'"  1 
ATOM 25  H "H2''" . DG A 1 1  ? 3.858   19.390  5.245   1.00 0.00 ? 1  DG A "H2''" 1 
ATOM 26  H "H1'"  . DG A 1 1  ? 5.913   20.235  6.192   1.00 0.00 ? 1  DG A "H1'"  1 
ATOM 27  H H8     . DG A 1 1  ? 3.144   20.137  8.973   1.00 0.00 ? 1  DG A H8     1 
ATOM 28  H H1     . DG A 1 1  ? 8.054   16.109  9.923   1.00 0.00 ? 1  DG A H1     1 
ATOM 29  H H21    . DG A 1 1  ? 9.575   16.362  8.262   1.00 0.00 ? 1  DG A H21    1 
ATOM 30  H H22    . DG A 1 1  ? 9.269   17.408  6.890   1.00 0.00 ? 1  DG A H22    1 
ATOM 31  H "HO5'" . DG A 1 1  ? 1.847   22.121  6.796   1.00 0.00 ? 1  DG A "HO5'" 1 
ATOM 32  P P      . DT A 1 2  ? 4.358   20.680  2.684   1.00 0.00 ? 2  DT A P      1 
ATOM 33  O OP1    . DT A 1 2  ? 4.793   21.460  1.505   1.00 0.00 ? 2  DT A OP1    1 
ATOM 34  O OP2    . DT A 1 2  ? 2.966   20.181  2.762   1.00 0.00 ? 2  DT A OP2    1 
ATOM 35  O "O5'"  . DT A 1 2  ? 5.351   19.419  2.853   1.00 0.00 ? 2  DT A "O5'"  1 
ATOM 36  C "C5'"  . DT A 1 2  ? 6.753   19.578  2.737   1.00 0.00 ? 2  DT A "C5'"  1 
ATOM 37  C "C4'"  . DT A 1 2  ? 7.476   18.249  2.976   1.00 0.00 ? 2  DT A "C4'"  1 
ATOM 38  O "O4'"  . DT A 1 2  ? 7.145   17.754  4.264   1.00 0.00 ? 2  DT A "O4'"  1 
ATOM 39  C "C3'"  . DT A 1 2  ? 7.111   17.165  1.949   1.00 0.00 ? 2  DT A "C3'"  1 
ATOM 40  O "O3'"  . DT A 1 2  ? 8.313   16.519  1.554   1.00 0.00 ? 2  DT A "O3'"  1 
ATOM 41  C "C2'"  . DT A 1 2  ? 6.186   16.260  2.764   1.00 0.00 ? 2  DT A "C2'"  1 
ATOM 42  C "C1'"  . DT A 1 2  ? 6.842   16.380  4.138   1.00 0.00 ? 2  DT A "C1'"  1 
ATOM 43  N N1     . DT A 1 2  ? 6.005   15.934  5.286   1.00 0.00 ? 2  DT A N1     1 
ATOM 44  C C2     . DT A 1 2  ? 6.598   15.126  6.258   1.00 0.00 ? 2  DT A C2     1 
ATOM 45  O O2     . DT A 1 2  ? 7.732   14.664  6.155   1.00 0.00 ? 2  DT A O2     1 
ATOM 46  N N3     . DT A 1 2  ? 5.849   14.881  7.399   1.00 0.00 ? 2  DT A N3     1 
ATOM 47  C C4     . DT A 1 2  ? 4.592   15.394  7.676   1.00 0.00 ? 2  DT A C4     1 
ATOM 48  O O4     . DT A 1 2  ? 4.055   15.151  8.754   1.00 0.00 ? 2  DT A O4     1 
ATOM 49  C C5     . DT A 1 2  ? 4.030   16.202  6.611   1.00 0.00 ? 2  DT A C5     1 
ATOM 50  C C7     . DT A 1 2  ? 2.637   16.783  6.761   1.00 0.00 ? 2  DT A C7     1 
ATOM 51  C C6     . DT A 1 2  ? 4.740   16.443  5.480   1.00 0.00 ? 2  DT A C6     1 
ATOM 52  H "H5'"  . DT A 1 2  ? 7.102   20.302  3.473   1.00 0.00 ? 2  DT A "H5'"  1 
ATOM 53  H "H5''" . DT A 1 2  ? 7.005   19.941  1.739   1.00 0.00 ? 2  DT A "H5''" 1 
ATOM 54  H "H4'"  . DT A 1 2  ? 8.549   18.440  2.938   1.00 0.00 ? 2  DT A "H4'"  1 
ATOM 55  H "H3'"  . DT A 1 2  ? 6.600   17.582  1.079   1.00 0.00 ? 2  DT A "H3'"  1 
ATOM 56  H "H2'"  . DT A 1 2  ? 5.188   16.693  2.740   1.00 0.00 ? 2  DT A "H2'"  1 
ATOM 57  H "H2''" . DT A 1 2  ? 6.144   15.233  2.411   1.00 0.00 ? 2  DT A "H2''" 1 
ATOM 58  H "H1'"  . DT A 1 2  ? 7.781   15.830  4.084   1.00 0.00 ? 2  DT A "H1'"  1 
ATOM 59  H H3     . DT A 1 2  ? 6.291   14.320  8.114   1.00 0.00 ? 2  DT A H3     1 
ATOM 60  H H71    . DT A 1 2  ? 2.036   16.161  7.423   1.00 0.00 ? 2  DT A H71    1 
ATOM 61  H H72    . DT A 1 2  ? 2.703   17.784  7.183   1.00 0.00 ? 2  DT A H72    1 
ATOM 62  H H73    . DT A 1 2  ? 2.143   16.838  5.790   1.00 0.00 ? 2  DT A H73    1 
ATOM 63  H H6     . DT A 1 2  ? 4.302   17.077  4.727   1.00 0.00 ? 2  DT A H6     1 
ATOM 64  P P      . DG A 1 3  ? 8.356   15.305  0.488   1.00 0.00 ? 3  DG A P      1 
ATOM 65  O OP1    . DG A 1 3  ? 9.733   15.209  -0.044  1.00 0.00 ? 3  DG A OP1    1 
ATOM 66  O OP2    . DG A 1 3  ? 7.217   15.457  -0.444  1.00 0.00 ? 3  DG A OP2    1 
ATOM 67  O "O5'"  . DG A 1 3  ? 8.083   14.014  1.411   1.00 0.00 ? 3  DG A "O5'"  1 
ATOM 68  C "C5'"  . DG A 1 3  ? 9.021   13.586  2.380   1.00 0.00 ? 3  DG A "C5'"  1 
ATOM 69  C "C4'"  . DG A 1 3  ? 8.436   12.440  3.209   1.00 0.00 ? 3  DG A "C4'"  1 
ATOM 70  O "O4'"  . DG A 1 3  ? 7.253   12.866  3.865   1.00 0.00 ? 3  DG A "O4'"  1 
ATOM 71  C "C3'"  . DG A 1 3  ? 8.068   11.231  2.339   1.00 0.00 ? 3  DG A "C3'"  1 
ATOM 72  O "O3'"  . DG A 1 3  ? 8.467   10.068  3.041   1.00 0.00 ? 3  DG A "O3'"  1 
ATOM 73  C "C2'"  . DG A 1 3  ? 6.547   11.361  2.242   1.00 0.00 ? 3  DG A "C2'"  1 
ATOM 74  C "C1'"  . DG A 1 3  ? 6.234   11.912  3.629   1.00 0.00 ? 3  DG A "C1'"  1 
ATOM 75  N N9     . DG A 1 3  ? 4.909   12.558  3.778   1.00 0.00 ? 3  DG A N9     1 
ATOM 76  C C8     . DG A 1 3  ? 4.151   13.219  2.844   1.00 0.00 ? 3  DG A C8     1 
ATOM 77  N N7     . DG A 1 3  ? 3.044   13.721  3.311   1.00 0.00 ? 3  DG A N7     1 
ATOM 78  C C5     . DG A 1 3  ? 3.056   13.367  4.655   1.00 0.00 ? 3  DG A C5     1 
ATOM 79  C C6     . DG A 1 3  ? 2.092   13.615  5.678   1.00 0.00 ? 3  DG A C6     1 
ATOM 80  O O6     . DG A 1 3  ? 1.020   14.207  5.585   1.00 0.00 ? 3  DG A O6     1 
ATOM 81  N N1     . DG A 1 3  ? 2.474   13.087  6.908   1.00 0.00 ? 3  DG A N1     1 
ATOM 82  C C2     . DG A 1 3  ? 3.647   12.391  7.128   1.00 0.00 ? 3  DG A C2     1 
ATOM 83  N N2     . DG A 1 3  ? 3.863   11.947  8.369   1.00 0.00 ? 3  DG A N2     1 
ATOM 84  N N3     . DG A 1 3  ? 4.555   12.156  6.167   1.00 0.00 ? 3  DG A N3     1 
ATOM 85  C C4     . DG A 1 3  ? 4.200   12.664  4.953   1.00 0.00 ? 3  DG A C4     1 
ATOM 86  H "H5'"  . DG A 1 3  ? 9.277   14.408  3.049   1.00 0.00 ? 3  DG A "H5'"  1 
ATOM 87  H "H5''" . DG A 1 3  ? 9.932   13.245  1.884   1.00 0.00 ? 3  DG A "H5''" 1 
ATOM 88  H "H4'"  . DG A 1 3  ? 9.177   12.150  3.957   1.00 0.00 ? 3  DG A "H4'"  1 
ATOM 89  H "H3'"  . DG A 1 3  ? 8.548   11.285  1.362   1.00 0.00 ? 3  DG A "H3'"  1 
ATOM 90  H "H2'"  . DG A 1 3  ? 6.307   12.085  1.463   1.00 0.00 ? 3  DG A "H2'"  1 
ATOM 91  H "H2''" . DG A 1 3  ? 6.037   10.418  2.048   1.00 0.00 ? 3  DG A "H2''" 1 
ATOM 92  H "H1'"  . DG A 1 3  ? 6.309   11.076  4.328   1.00 0.00 ? 3  DG A "H1'"  1 
ATOM 93  H H8     . DG A 1 3  ? 4.437   13.329  1.808   1.00 0.00 ? 3  DG A H8     1 
ATOM 94  H H1     . DG A 1 3  ? 1.839   13.232  7.679   1.00 0.00 ? 3  DG A H1     1 
ATOM 95  H H21    . DG A 1 3  ? 3.186   12.108  9.099   1.00 0.00 ? 3  DG A H21    1 
ATOM 96  H H22    . DG A 1 3  ? 4.686   11.385  8.561   1.00 0.00 ? 3  DG A H22    1 
ATOM 97  P P      . DG A 1 4  ? 8.520   8.608   2.358   1.00 0.00 ? 4  DG A P      1 
ATOM 98  O OP1    . DG A 1 4  ? 9.936   8.197   2.226   1.00 0.00 ? 4  DG A OP1    1 
ATOM 99  O OP2    . DG A 1 4  ? 7.631   8.594   1.175   1.00 0.00 ? 4  DG A OP2    1 
ATOM 100 O "O5'"  . DG A 1 4  ? 7.828   7.726   3.511   1.00 0.00 ? 4  DG A "O5'"  1 
ATOM 101 C "C5'"  . DG A 1 4  ? 8.537   7.290   4.655   1.00 0.00 ? 4  DG A "C5'"  1 
ATOM 102 C "C4'"  . DG A 1 4  ? 7.539   6.947   5.768   1.00 0.00 ? 4  DG A "C4'"  1 
ATOM 103 O "O4'"  . DG A 1 4  ? 6.784   8.077   6.168   1.00 0.00 ? 4  DG A "O4'"  1 
ATOM 104 C "C3'"  . DG A 1 4  ? 6.525   5.893   5.326   1.00 0.00 ? 4  DG A "C3'"  1 
ATOM 105 O "O3'"  . DG A 1 4  ? 7.110   4.609   5.438   1.00 0.00 ? 4  DG A "O3'"  1 
ATOM 106 C "C2'"  . DG A 1 4  ? 5.388   6.160   6.301   1.00 0.00 ? 4  DG A "C2'"  1 
ATOM 107 C "C1'"  . DG A 1 4  ? 5.474   7.671   6.535   1.00 0.00 ? 4  DG A "C1'"  1 
ATOM 108 N N9     . DG A 1 4  ? 4.516   8.458   5.717   1.00 0.00 ? 4  DG A N9     1 
ATOM 109 C C8     . DG A 1 4  ? 4.630   8.855   4.409   1.00 0.00 ? 4  DG A C8     1 
ATOM 110 N N7     . DG A 1 4  ? 3.635   9.572   3.970   1.00 0.00 ? 4  DG A N7     1 
ATOM 111 C C5     . DG A 1 4  ? 2.795   9.679   5.070   1.00 0.00 ? 4  DG A C5     1 
ATOM 112 C C6     . DG A 1 4  ? 1.540   10.348  5.207   1.00 0.00 ? 4  DG A C6     1 
ATOM 113 O O6     . DG A 1 4  ? 0.910   10.959  4.348   1.00 0.00 ? 4  DG A O6     1 
ATOM 114 N N1     . DG A 1 4  ? 1.027   10.262  6.499   1.00 0.00 ? 4  DG A N1     1 
ATOM 115 C C2     . DG A 1 4  ? 1.660   9.615   7.545   1.00 0.00 ? 4  DG A C2     1 
ATOM 116 N N2     . DG A 1 4  ? 1.043   9.609   8.731   1.00 0.00 ? 4  DG A N2     1 
ATOM 117 N N3     . DG A 1 4  ? 2.841   8.995   7.416   1.00 0.00 ? 4  DG A N3     1 
ATOM 118 C C4     . DG A 1 4  ? 3.350   9.044   6.157   1.00 0.00 ? 4  DG A C4     1 
ATOM 119 H "H5'"  . DG A 1 4  ? 9.225   8.057   5.011   1.00 0.00 ? 4  DG A "H5'"  1 
ATOM 120 H "H5''" . DG A 1 4  ? 9.113   6.401   4.396   1.00 0.00 ? 4  DG A "H5''" 1 
ATOM 121 H "H4'"  . DG A 1 4  ? 8.091   6.596   6.643   1.00 0.00 ? 4  DG A "H4'"  1 
ATOM 122 H "H3'"  . DG A 1 4  ? 6.178   6.099   4.313   1.00 0.00 ? 4  DG A "H3'"  1 
ATOM 123 H "H2'"  . DG A 1 4  ? 4.427   5.848   5.912   1.00 0.00 ? 4  DG A "H2'"  1 
ATOM 124 H "H2''" . DG A 1 4  ? 5.564   5.641   7.240   1.00 0.00 ? 4  DG A "H2''" 1 
ATOM 125 H "H1'"  . DG A 1 4  ? 5.282   7.838   7.594   1.00 0.00 ? 4  DG A "H1'"  1 
ATOM 126 H H8     . DG A 1 4  ? 5.480   8.619   3.792   1.00 0.00 ? 4  DG A H8     1 
ATOM 127 H H1     . DG A 1 4  ? 0.131   10.696  6.659   1.00 0.00 ? 4  DG A H1     1 
ATOM 128 H H21    . DG A 1 4  ? 0.131   10.025  8.848   1.00 0.00 ? 4  DG A H21    1 
ATOM 129 H H22    . DG A 1 4  ? 1.480   9.110   9.501   1.00 0.00 ? 4  DG A H22    1 
ATOM 130 P P      . DA A 1 5  ? 6.385   3.265   4.918   1.00 0.00 ? 5  DA A P      1 
ATOM 131 O OP1    . DA A 1 5  ? 7.424   2.223   4.757   1.00 0.00 ? 5  DA A OP1    1 
ATOM 132 O OP2    . DA A 1 5  ? 5.516   3.608   3.770   1.00 0.00 ? 5  DA A OP2    1 
ATOM 133 O "O5'"  . DA A 1 5  ? 5.440   2.828   6.144   1.00 0.00 ? 5  DA A "O5'"  1 
ATOM 134 C "C5'"  . DA A 1 5  ? 5.959   2.573   7.439   1.00 0.00 ? 5  DA A "C5'"  1 
ATOM 135 C "C4'"  . DA A 1 5  ? 5.043   1.607   8.202   1.00 0.00 ? 5  DA A "C4'"  1 
ATOM 136 O "O4'"  . DA A 1 5  ? 3.688   1.983   7.990   1.00 0.00 ? 5  DA A "O4'"  1 
ATOM 137 C "C3'"  . DA A 1 5  ? 5.198   0.154   7.725   1.00 0.00 ? 5  DA A "C3'"  1 
ATOM 138 O "O3'"  . DA A 1 5  ? 4.947   -0.718  8.820   1.00 0.00 ? 5  DA A "O3'"  1 
ATOM 139 C "C2'"  . DA A 1 5  ? 4.113   0.082   6.659   1.00 0.00 ? 5  DA A "C2'"  1 
ATOM 140 C "C1'"  . DA A 1 5  ? 3.027   0.924   7.322   1.00 0.00 ? 5  DA A "C1'"  1 
ATOM 141 N N9     . DA A 1 5  ? 2.016   1.434   6.367   1.00 0.00 ? 5  DA A N9     1 
ATOM 142 C C8     . DA A 1 5  ? 2.185   1.980   5.116   1.00 0.00 ? 5  DA A C8     1 
ATOM 143 N N7     . DA A 1 5  ? 1.082   2.412   4.568   1.00 0.00 ? 5  DA A N7     1 
ATOM 144 C C5     . DA A 1 5  ? 0.108   2.130   5.518   1.00 0.00 ? 5  DA A C5     1 
ATOM 145 C C6     . DA A 1 5  ? -1.284  2.349   5.569   1.00 0.00 ? 5  DA A C6     1 
ATOM 146 N N6     . DA A 1 5  ? -1.967  2.933   4.581   1.00 0.00 ? 5  DA A N6     1 
ATOM 147 N N1     . DA A 1 5  ? -1.963  1.933   6.656   1.00 0.00 ? 5  DA A N1     1 
ATOM 148 C C2     . DA A 1 5  ? -1.291  1.355   7.649   1.00 0.00 ? 5  DA A C2     1 
ATOM 149 N N3     . DA A 1 5  ? 0.013   1.110   7.733   1.00 0.00 ? 5  DA A N3     1 
ATOM 150 C C4     . DA A 1 5  ? 0.667   1.522   6.614   1.00 0.00 ? 5  DA A C4     1 
ATOM 151 H "H5'"  . DA A 1 5  ? 6.018   3.514   7.985   1.00 0.00 ? 5  DA A "H5'"  1 
ATOM 152 H "H5''" . DA A 1 5  ? 6.960   2.144   7.388   1.00 0.00 ? 5  DA A "H5''" 1 
ATOM 153 H "H4'"  . DA A 1 5  ? 5.290   1.672   9.263   1.00 0.00 ? 5  DA A "H4'"  1 
ATOM 154 H "H3'"  . DA A 1 5  ? 6.188   -0.039  7.308   1.00 0.00 ? 5  DA A "H3'"  1 
ATOM 155 H "H2'"  . DA A 1 5  ? 4.483   0.546   5.746   1.00 0.00 ? 5  DA A "H2'"  1 
ATOM 156 H "H2''" . DA A 1 5  ? 3.785   -0.931  6.450   1.00 0.00 ? 5  DA A "H2''" 1 
ATOM 157 H "H1'"  . DA A 1 5  ? 2.541   0.308   8.077   1.00 0.00 ? 5  DA A "H1'"  1 
ATOM 158 H H8     . DA A 1 5  ? 3.142   2.069   4.626   1.00 0.00 ? 5  DA A H8     1 
ATOM 159 H H61    . DA A 1 5  ? -2.971  3.017   4.643   1.00 0.00 ? 5  DA A H61    1 
ATOM 160 H H62    . DA A 1 5  ? -1.472  3.360   3.807   1.00 0.00 ? 5  DA A H62    1 
ATOM 161 H H2     . DA A 1 5  ? -1.873  1.051   8.505   1.00 0.00 ? 5  DA A H2     1 
ATOM 162 P P      . DA A 1 6  ? 4.958   -2.332  8.680   1.00 0.00 ? 6  DA A P      1 
ATOM 163 O OP1    . DA A 1 6  ? 5.273   -2.905  10.008  1.00 0.00 ? 6  DA A OP1    1 
ATOM 164 O OP2    . DA A 1 6  ? 5.784   -2.698  7.508   1.00 0.00 ? 6  DA A OP2    1 
ATOM 165 O "O5'"  . DA A 1 6  ? 3.419   -2.678  8.339   1.00 0.00 ? 6  DA A "O5'"  1 
ATOM 166 C "C5'"  . DA A 1 6  ? 2.400   -2.528  9.311   1.00 0.00 ? 6  DA A "C5'"  1 
ATOM 167 C "C4'"  . DA A 1 6  ? 1.022   -2.714  8.672   1.00 0.00 ? 6  DA A "C4'"  1 
ATOM 168 O "O4'"  . DA A 1 6  ? 0.889   -1.810  7.585   1.00 0.00 ? 6  DA A "O4'"  1 
ATOM 169 C "C3'"  . DA A 1 6  ? 0.786   -4.135  8.135   1.00 0.00 ? 6  DA A "C3'"  1 
ATOM 170 O "O3'"  . DA A 1 6  ? -0.468  -4.606  8.607   1.00 0.00 ? 6  DA A "O3'"  1 
ATOM 171 C "C2'"  . DA A 1 6  ? 0.796   -3.915  6.624   1.00 0.00 ? 6  DA A "C2'"  1 
ATOM 172 C "C1'"  . DA A 1 6  ? 0.262   -2.489  6.520   1.00 0.00 ? 6  DA A "C1'"  1 
ATOM 173 N N9     . DA A 1 6  ? 0.572   -1.828  5.230   1.00 0.00 ? 6  DA A N9     1 
ATOM 174 C C8     . DA A 1 6  ? 1.776   -1.724  4.574   1.00 0.00 ? 6  DA A C8     1 
ATOM 175 N N7     . DA A 1 6  ? 1.739   -1.007  3.487   1.00 0.00 ? 6  DA A N7     1 
ATOM 176 C C5     . DA A 1 6  ? 0.414   -0.603  3.408   1.00 0.00 ? 6  DA A C5     1 
ATOM 177 C C6     . DA A 1 6  ? -0.290  0.195   2.484   1.00 0.00 ? 6  DA A C6     1 
ATOM 178 N N6     . DA A 1 6  ? 0.293   0.755   1.419   1.00 0.00 ? 6  DA A N6     1 
ATOM 179 N N1     . DA A 1 6  ? -1.603  0.399   2.685   1.00 0.00 ? 6  DA A N1     1 
ATOM 180 C C2     . DA A 1 6  ? -2.192  -0.158  3.741   1.00 0.00 ? 6  DA A C2     1 
ATOM 181 N N3     . DA A 1 6  ? -1.642  -0.921  4.683   1.00 0.00 ? 6  DA A N3     1 
ATOM 182 C C4     . DA A 1 6  ? -0.313  -1.109  4.458   1.00 0.00 ? 6  DA A C4     1 
ATOM 183 H "H5'"  . DA A 1 6  ? 2.449   -1.529  9.744   1.00 0.00 ? 6  DA A "H5'"  1 
ATOM 184 H "H5''" . DA A 1 6  ? 2.535   -3.260  10.108  1.00 0.00 ? 6  DA A "H5''" 1 
ATOM 185 H "H4'"  . DA A 1 6  ? 0.266   -2.479  9.424   1.00 0.00 ? 6  DA A "H4'"  1 
ATOM 186 H "H3'"  . DA A 1 6  ? 1.584   -4.816  8.440   1.00 0.00 ? 6  DA A "H3'"  1 
ATOM 187 H "H2'"  . DA A 1 6  ? 1.831   -3.982  6.291   1.00 0.00 ? 6  DA A "H2'"  1 
ATOM 188 H "H2''" . DA A 1 6  ? 0.180   -4.627  6.077   1.00 0.00 ? 6  DA A "H2''" 1 
ATOM 189 H "H1'"  . DA A 1 6  ? -0.816  -2.495  6.692   1.00 0.00 ? 6  DA A "H1'"  1 
ATOM 190 H H8     . DA A 1 6  ? 2.688   -2.195  4.910   1.00 0.00 ? 6  DA A H8     1 
ATOM 191 H H61    . DA A 1 6  ? -0.249  1.323   0.783   1.00 0.00 ? 6  DA A H61    1 
ATOM 192 H H62    . DA A 1 6  ? 1.280   0.609   1.261   1.00 0.00 ? 6  DA A H62    1 
ATOM 193 H H2     . DA A 1 6  ? -3.245  0.047   3.852   1.00 0.00 ? 6  DA A H2     1 
ATOM 194 P P      . DT A 1 7  ? -1.011  -6.103  8.315   1.00 0.00 ? 7  DT A P      1 
ATOM 195 O OP1    . DT A 1 7  ? -1.487  -6.678  9.594   1.00 0.00 ? 7  DT A OP1    1 
ATOM 196 O OP2    . DT A 1 7  ? -0.005  -6.832  7.510   1.00 0.00 ? 7  DT A OP2    1 
ATOM 197 O "O5'"  . DT A 1 7  ? -2.294  -5.822  7.380   1.00 0.00 ? 7  DT A "O5'"  1 
ATOM 198 C "C5'"  . DT A 1 7  ? -3.476  -5.254  7.915   1.00 0.00 ? 7  DT A "C5'"  1 
ATOM 199 C "C4'"  . DT A 1 7  ? -4.431  -4.834  6.795   1.00 0.00 ? 7  DT A "C4'"  1 
ATOM 200 O "O4'"  . DT A 1 7  ? -3.728  -4.041  5.849   1.00 0.00 ? 7  DT A "O4'"  1 
ATOM 201 C "C3'"  . DT A 1 7  ? -5.055  -6.020  6.043   1.00 0.00 ? 7  DT A "C3'"  1 
ATOM 202 O "O3'"  . DT A 1 7  ? -6.440  -5.748  5.876   1.00 0.00 ? 7  DT A "O3'"  1 
ATOM 203 C "C2'"  . DT A 1 7  ? -4.283  -5.998  4.725   1.00 0.00 ? 7  DT A "C2'"  1 
ATOM 204 C "C1'"  . DT A 1 7  ? -4.077  -4.493  4.558   1.00 0.00 ? 7  DT A "C1'"  1 
ATOM 205 N N1     . DT A 1 7  ? -3.036  -4.107  3.561   1.00 0.00 ? 7  DT A N1     1 
ATOM 206 C C2     . DT A 1 7  ? -3.364  -3.150  2.597   1.00 0.00 ? 7  DT A C2     1 
ATOM 207 O O2     . DT A 1 7  ? -4.484  -2.658  2.481   1.00 0.00 ? 7  DT A O2     1 
ATOM 208 N N3     . DT A 1 7  ? -2.338  -2.744  1.757   1.00 0.00 ? 7  DT A N3     1 
ATOM 209 C C4     . DT A 1 7  ? -1.022  -3.175  1.806   1.00 0.00 ? 7  DT A C4     1 
ATOM 210 O O4     . DT A 1 7  ? -0.193  -2.704  1.031   1.00 0.00 ? 7  DT A O4     1 
ATOM 211 C C5     . DT A 1 7  ? -0.760  -4.175  2.824   1.00 0.00 ? 7  DT A C5     1 
ATOM 212 C C7     . DT A 1 7  ? 0.626   -4.775  2.961   1.00 0.00 ? 7  DT A C7     1 
ATOM 213 C C6     . DT A 1 7  ? -1.751  -4.592  3.652   1.00 0.00 ? 7  DT A C6     1 
ATOM 214 H "H5'"  . DT A 1 7  ? -3.229  -4.369  8.503   1.00 0.00 ? 7  DT A "H5'"  1 
ATOM 215 H "H5''" . DT A 1 7  ? -3.971  -5.972  8.570   1.00 0.00 ? 7  DT A "H5''" 1 
ATOM 216 H "H4'"  . DT A 1 7  ? -5.225  -4.233  7.242   1.00 0.00 ? 7  DT A "H4'"  1 
ATOM 217 H "H3'"  . DT A 1 7  ? -4.911  -6.961  6.577   1.00 0.00 ? 7  DT A "H3'"  1 
ATOM 218 H "H2'"  . DT A 1 7  ? -3.348  -6.533  4.877   1.00 0.00 ? 7  DT A "H2'"  1 
ATOM 219 H "H2''" . DT A 1 7  ? -4.823  -6.439  3.890   1.00 0.00 ? 7  DT A "H2''" 1 
ATOM 220 H "H1'"  . DT A 1 7  ? -5.051  -4.071  4.314   1.00 0.00 ? 7  DT A "H1'"  1 
ATOM 221 H H3     . DT A 1 7  ? -2.568  -2.028  1.081   1.00 0.00 ? 7  DT A H3     1 
ATOM 222 H H71    . DT A 1 7  ? 1.195   -4.645  2.040   1.00 0.00 ? 7  DT A H71    1 
ATOM 223 H H72    . DT A 1 7  ? 1.161   -4.290  3.775   1.00 0.00 ? 7  DT A H72    1 
ATOM 224 H H73    . DT A 1 7  ? 0.552   -5.842  3.176   1.00 0.00 ? 7  DT A H73    1 
ATOM 225 H H6     . DT A 1 7  ? -1.504  -5.311  4.418   1.00 0.00 ? 7  DT A H6     1 
ATOM 226 P P      . DG A 1 8  ? -7.462  -6.773  5.155   1.00 0.00 ? 8  DG A P      1 
ATOM 227 O OP1    . DG A 1 8  ? -8.838  -6.409  5.557   1.00 0.00 ? 8  DG A OP1    1 
ATOM 228 O OP2    . DG A 1 8  ? -6.973  -8.153  5.372   1.00 0.00 ? 8  DG A OP2    1 
ATOM 229 O "O5'"  . DG A 1 8  ? -7.285  -6.418  3.593   1.00 0.00 ? 8  DG A "O5'"  1 
ATOM 230 C "C5'"  . DG A 1 8  ? -7.710  -5.179  3.060   1.00 0.00 ? 8  DG A "C5'"  1 
ATOM 231 C "C4'"  . DG A 1 8  ? -7.291  -5.065  1.591   1.00 0.00 ? 8  DG A "C4'"  1 
ATOM 232 O "O4'"  . DG A 1 8  ? -5.876  -5.125  1.482   1.00 0.00 ? 8  DG A "O4'"  1 
ATOM 233 C "C3'"  . DG A 1 8  ? -7.865  -6.203  0.738   1.00 0.00 ? 8  DG A "C3'"  1 
ATOM 234 O "O3'"  . DG A 1 8  ? -8.270  -5.648  -0.501  1.00 0.00 ? 8  DG A "O3'"  1 
ATOM 235 C "C2'"  . DG A 1 8  ? -6.653  -7.124  0.591   1.00 0.00 ? 8  DG A "C2'"  1 
ATOM 236 C "C1'"  . DG A 1 8  ? -5.540  -6.085  0.498   1.00 0.00 ? 8  DG A "C1'"  1 
ATOM 237 N N9     . DG A 1 8  ? -4.172  -6.598  0.747   1.00 0.00 ? 8  DG A N9     1 
ATOM 238 C C8     . DG A 1 8  ? -3.763  -7.641  1.541   1.00 0.00 ? 8  DG A C8     1 
ATOM 239 N N7     . DG A 1 8  ? -2.472  -7.812  1.581   1.00 0.00 ? 8  DG A N7     1 
ATOM 240 C C5     . DG A 1 8  ? -1.977  -6.817  0.746   1.00 0.00 ? 8  DG A C5     1 
ATOM 241 C C6     . DG A 1 8  ? -0.632  -6.521  0.370   1.00 0.00 ? 8  DG A C6     1 
ATOM 242 O O6     . DG A 1 8  ? 0.398   -7.094  0.715   1.00 0.00 ? 8  DG A O6     1 
ATOM 243 N N1     . DG A 1 8  ? -0.548  -5.440  -0.504  1.00 0.00 ? 8  DG A N1     1 
ATOM 244 C C2     . DG A 1 8  ? -1.638  -4.731  -0.972  1.00 0.00 ? 8  DG A C2     1 
ATOM 245 N N2     . DG A 1 8  ? -1.390  -3.738  -1.830  1.00 0.00 ? 8  DG A N2     1 
ATOM 246 N N3     . DG A 1 8  ? -2.903  -5.007  -0.618  1.00 0.00 ? 8  DG A N3     1 
ATOM 247 C C4     . DG A 1 8  ? -3.008  -6.062  0.237   1.00 0.00 ? 8  DG A C4     1 
ATOM 248 H "H5'"  . DG A 1 8  ? -7.266  -4.354  3.618   1.00 0.00 ? 8  DG A "H5'"  1 
ATOM 249 H "H5''" . DG A 1 8  ? -8.796  -5.103  3.130   1.00 0.00 ? 8  DG A "H5''" 1 
ATOM 250 H "H4'"  . DG A 1 8  ? -7.638  -4.102  1.212   1.00 0.00 ? 8  DG A "H4'"  1 
ATOM 251 H "H3'"  . DG A 1 8  ? -8.703  -6.696  1.233   1.00 0.00 ? 8  DG A "H3'"  1 
ATOM 252 H "H2'"  . DG A 1 8  ? -6.560  -7.730  1.495   1.00 0.00 ? 8  DG A "H2'"  1 
ATOM 253 H "H2''" . DG A 1 8  ? -6.692  -7.764  -0.290  1.00 0.00 ? 8  DG A "H2''" 1 
ATOM 254 H "H1'"  . DG A 1 8  ? -5.587  -5.649  -0.503  1.00 0.00 ? 8  DG A "H1'"  1 
ATOM 255 H H8     . DG A 1 8  ? -4.442  -8.272  2.096   1.00 0.00 ? 8  DG A H8     1 
ATOM 256 H H1     . DG A 1 8  ? 0.376   -5.176  -0.809  1.00 0.00 ? 8  DG A H1     1 
ATOM 257 H H21    . DG A 1 8  ? -0.446  -3.529  -2.116  1.00 0.00 ? 8  DG A H21    1 
ATOM 258 H H22    . DG A 1 8  ? -2.166  -3.228  -2.239  1.00 0.00 ? 8  DG A H22    1 
ATOM 259 P P      . DG A 1 9  ? -9.201  -6.443  -1.551  1.00 0.00 ? 9  DG A P      1 
ATOM 260 O OP1    . DG A 1 9  ? -10.542 -5.820  -1.557  1.00 0.00 ? 9  DG A OP1    1 
ATOM 261 O OP2    . DG A 1 9  ? -9.060  -7.898  -1.314  1.00 0.00 ? 9  DG A OP2    1 
ATOM 262 O "O5'"  . DG A 1 9  ? -8.456  -6.092  -2.932  1.00 0.00 ? 9  DG A "O5'"  1 
ATOM 263 C "C5'"  . DG A 1 9  ? -8.686  -4.883  -3.630  1.00 0.00 ? 9  DG A "C5'"  1 
ATOM 264 C "C4'"  . DG A 1 9  ? -7.551  -4.663  -4.637  1.00 0.00 ? 9  DG A "C4'"  1 
ATOM 265 O "O4'"  . DG A 1 9  ? -6.302  -4.513  -3.988  1.00 0.00 ? 9  DG A "O4'"  1 
ATOM 266 C "C3'"  . DG A 1 9  ? -7.399  -5.843  -5.600  1.00 0.00 ? 9  DG A "C3'"  1 
ATOM 267 O "O3'"  . DG A 1 9  ? -8.339  -5.728  -6.652  1.00 0.00 ? 9  DG A "O3'"  1 
ATOM 268 C "C2'"  . DG A 1 9  ? -5.944  -5.689  -6.021  1.00 0.00 ? 9  DG A "C2'"  1 
ATOM 269 C "C1'"  . DG A 1 9  ? -5.273  -5.079  -4.785  1.00 0.00 ? 9  DG A "C1'"  1 
ATOM 270 N N9     . DG A 1 9  ? -4.540  -6.057  -3.937  1.00 0.00 ? 9  DG A N9     1 
ATOM 271 C C8     . DG A 1 9  ? -5.040  -6.904  -2.978  1.00 0.00 ? 9  DG A C8     1 
ATOM 272 N N7     . DG A 1 9  ? -4.144  -7.627  -2.369  1.00 0.00 ? 9  DG A N7     1 
ATOM 273 C C5     . DG A 1 9  ? -2.948  -7.218  -2.941  1.00 0.00 ? 9  DG A C5     1 
ATOM 274 C C6     . DG A 1 9  ? -1.613  -7.651  -2.678  1.00 0.00 ? 9  DG A C6     1 
ATOM 275 O O6     . DG A 1 9  ? -1.241  -8.534  -1.910  1.00 0.00 ? 9  DG A O6     1 
ATOM 276 N N1     . DG A 1 9  ? -0.667  -6.941  -3.412  1.00 0.00 ? 9  DG A N1     1 
ATOM 277 C C2     . DG A 1 9  ? -0.975  -5.930  -4.304  1.00 0.00 ? 9  DG A C2     1 
ATOM 278 N N2     . DG A 1 9  ? 0.043   -5.350  -4.945  1.00 0.00 ? 9  DG A N2     1 
ATOM 279 N N3     . DG A 1 9  ? -2.230  -5.528  -4.555  1.00 0.00 ? 9  DG A N3     1 
ATOM 280 C C4     . DG A 1 9  ? -3.173  -6.216  -3.857  1.00 0.00 ? 9  DG A C4     1 
ATOM 281 H "H5'"  . DG A 1 9  ? -8.734  -4.034  -2.948  1.00 0.00 ? 9  DG A "H5'"  1 
ATOM 282 H "H5''" . DG A 1 9  ? -9.635  -4.958  -4.162  1.00 0.00 ? 9  DG A "H5''" 1 
ATOM 283 H "H4'"  . DG A 1 9  ? -7.743  -3.744  -5.194  1.00 0.00 ? 9  DG A "H4'"  1 
ATOM 284 H "H3'"  . DG A 1 9  ? -7.519  -6.791  -5.076  1.00 0.00 ? 9  DG A "H3'"  1 
ATOM 285 H "H2'"  . DG A 1 9  ? -5.499  -6.628  -6.321  1.00 0.00 ? 9  DG A "H2'"  1 
ATOM 286 H "H2''" . DG A 1 9  ? -5.865  -4.993  -6.853  1.00 0.00 ? 9  DG A "H2''" 1 
ATOM 287 H "H1'"  . DG A 1 9  ? -4.585  -4.318  -5.149  1.00 0.00 ? 9  DG A "H1'"  1 
ATOM 288 H H8     . DG A 1 9  ? -6.080  -6.965  -2.719  1.00 0.00 ? 9  DG A H8     1 
ATOM 289 H H1     . DG A 1 9  ? 0.296   -7.209  -3.287  1.00 0.00 ? 9  DG A H1     1 
ATOM 290 H H21    . DG A 1 9  ? 0.992   -5.665  -4.810  1.00 0.00 ? 9  DG A H21    1 
ATOM 291 H H22    . DG A 1 9  ? -0.162  -4.626  -5.627  1.00 0.00 ? 9  DG A H22    1 
ATOM 292 P P      . DA A 1 10 ? -8.589  -6.899  -7.735  1.00 0.00 ? 10 DA A P      1 
ATOM 293 O OP1    . DA A 1 10 ? -9.960  -6.739  -8.267  1.00 0.00 ? 10 DA A OP1    1 
ATOM 294 O OP2    . DA A 1 10 ? -8.183  -8.195  -7.144  1.00 0.00 ? 10 DA A OP2    1 
ATOM 295 O "O5'"  . DA A 1 10 ? -7.560  -6.548  -8.921  1.00 0.00 ? 10 DA A "O5'"  1 
ATOM 296 C "C5'"  . DA A 1 10 ? -7.542  -5.272  -9.535  1.00 0.00 ? 10 DA A "C5'"  1 
ATOM 297 C "C4'"  . DA A 1 10 ? -6.870  -5.341  -10.912 1.00 0.00 ? 10 DA A "C4'"  1 
ATOM 298 O "O4'"  . DA A 1 10 ? -5.707  -6.153  -10.825 1.00 0.00 ? 10 DA A "O4'"  1 
ATOM 299 C "C3'"  . DA A 1 10 ? -7.778  -5.956  -11.986 1.00 0.00 ? 10 DA A "C3'"  1 
ATOM 300 O "O3'"  . DA A 1 10 ? -7.446  -5.365  -13.234 1.00 0.00 ? 10 DA A "O3'"  1 
ATOM 301 C "C2'"  . DA A 1 10 ? -7.385  -7.426  -11.900 1.00 0.00 ? 10 DA A "C2'"  1 
ATOM 302 C "C1'"  . DA A 1 10 ? -5.887  -7.295  -11.647 1.00 0.00 ? 10 DA A "C1'"  1 
ATOM 303 N N9     . DA A 1 10 ? -5.292  -8.497  -11.023 1.00 0.00 ? 10 DA A N9     1 
ATOM 304 C C8     . DA A 1 10 ? -5.765  -9.279  -9.996  1.00 0.00 ? 10 DA A C8     1 
ATOM 305 N N7     . DA A 1 10 ? -4.948  -10.224 -9.624  1.00 0.00 ? 10 DA A N7     1 
ATOM 306 C C5     . DA A 1 10 ? -3.852  -10.061 -10.461 1.00 0.00 ? 10 DA A C5     1 
ATOM 307 C C6     . DA A 1 10 ? -2.617  -10.733 -10.578 1.00 0.00 ? 10 DA A C6     1 
ATOM 308 N N6     . DA A 1 10 ? -2.274  -11.758 -9.796  1.00 0.00 ? 10 DA A N6     1 
ATOM 309 N N1     . DA A 1 10 ? -1.753  -10.334 -11.531 1.00 0.00 ? 10 DA A N1     1 
ATOM 310 C C2     . DA A 1 10 ? -2.085  -9.304  -12.307 1.00 0.00 ? 10 DA A C2     1 
ATOM 311 N N3     . DA A 1 10 ? -3.198  -8.577  -12.284 1.00 0.00 ? 10 DA A N3     1 
ATOM 312 C C4     . DA A 1 10 ? -4.058  -9.018  -11.327 1.00 0.00 ? 10 DA A C4     1 
ATOM 313 H "H5'"  . DA A 1 10 ? -6.982  -4.586  -8.900  1.00 0.00 ? 10 DA A "H5'"  1 
ATOM 314 H "H5''" . DA A 1 10 ? -8.554  -4.880  -9.656  1.00 0.00 ? 10 DA A "H5''" 1 
ATOM 315 H "H4'"  . DA A 1 10 ? -6.595  -4.326  -11.202 1.00 0.00 ? 10 DA A "H4'"  1 
ATOM 316 H "H3'"  . DA A 1 10 ? -8.838  -5.814  -11.769 1.00 0.00 ? 10 DA A "H3'"  1 
ATOM 317 H "H2'"  . DA A 1 10 ? -7.902  -7.883  -11.058 1.00 0.00 ? 10 DA A "H2'"  1 
ATOM 318 H "H2''" . DA A 1 10 ? -7.605  -7.984  -12.806 1.00 0.00 ? 10 DA A "H2''" 1 
ATOM 319 H "H1'"  . DA A 1 10 ? -5.407  -7.100  -12.604 1.00 0.00 ? 10 DA A "H1'"  1 
ATOM 320 H H8     . DA A 1 10 ? -6.723  -9.126  -9.521  1.00 0.00 ? 10 DA A H8     1 
ATOM 321 H H61    . DA A 1 10 ? -1.405  -12.249 -9.958  1.00 0.00 ? 10 DA A H61    1 
ATOM 322 H H62    . DA A 1 10 ? -2.851  -12.006 -9.001  1.00 0.00 ? 10 DA A H62    1 
ATOM 323 H H2     . DA A 1 10 ? -1.359  -9.008  -13.046 1.00 0.00 ? 10 DA A H2     1 
ATOM 324 P P      . DA A 1 11 ? -8.149  -5.796  -14.628 1.00 0.00 ? 11 DA A P      1 
ATOM 325 O OP1    . DA A 1 11 ? -7.991  -4.682  -15.588 1.00 0.00 ? 11 DA A OP1    1 
ATOM 326 O OP2    . DA A 1 11 ? -9.498  -6.326  -14.331 1.00 0.00 ? 11 DA A OP2    1 
ATOM 327 O "O5'"  . DA A 1 11 ? -7.224  -7.020  -15.121 1.00 0.00 ? 11 DA A "O5'"  1 
ATOM 328 C "C5'"  . DA A 1 11 ? -5.899  -6.808  -15.572 1.00 0.00 ? 11 DA A "C5'"  1 
ATOM 329 C "C4'"  . DA A 1 11 ? -5.198  -8.159  -15.756 1.00 0.00 ? 11 DA A "C4'"  1 
ATOM 330 O "O4'"  . DA A 1 11 ? -5.235  -8.898  -14.547 1.00 0.00 ? 11 DA A "O4'"  1 
ATOM 331 C "C3'"  . DA A 1 11 ? -5.874  -9.006  -16.842 1.00 0.00 ? 11 DA A "C3'"  1 
ATOM 332 O "O3'"  . DA A 1 11 ? -4.881  -9.446  -17.758 1.00 0.00 ? 11 DA A "O3'"  1 
ATOM 333 C "C2'"  . DA A 1 11 ? -6.496  -10.146 -16.036 1.00 0.00 ? 11 DA A "C2'"  1 
ATOM 334 C "C1'"  . DA A 1 11 ? -5.530  -10.242 -14.859 1.00 0.00 ? 11 DA A "C1'"  1 
ATOM 335 N N9     . DA A 1 11 ? -6.081  -10.937 -13.673 1.00 0.00 ? 11 DA A N9     1 
ATOM 336 C C8     . DA A 1 11 ? -7.306  -10.786 -13.068 1.00 0.00 ? 11 DA A C8     1 
ATOM 337 N N7     . DA A 1 11 ? -7.471  -11.511 -11.997 1.00 0.00 ? 11 DA A N7     1 
ATOM 338 C C5     . DA A 1 11 ? -6.268  -12.195 -11.876 1.00 0.00 ? 11 DA A C5     1 
ATOM 339 C C6     . DA A 1 11 ? -5.790  -13.141 -10.944 1.00 0.00 ? 11 DA A C6     1 
ATOM 340 N N6     . DA A 1 11 ? -6.518  -13.569 -9.908  1.00 0.00 ? 11 DA A N6     1 
ATOM 341 N N1     . DA A 1 11 ? -4.555  -13.647 -11.121 1.00 0.00 ? 11 DA A N1     1 
ATOM 342 C C2     . DA A 1 11 ? -3.828  -13.230 -12.156 1.00 0.00 ? 11 DA A C2     1 
ATOM 343 N N3     . DA A 1 11 ? -4.158  -12.345 -13.092 1.00 0.00 ? 11 DA A N3     1 
ATOM 344 C C4     . DA A 1 11 ? -5.412  -11.855 -12.894 1.00 0.00 ? 11 DA A C4     1 
ATOM 345 H "H5'"  . DA A 1 11 ? -5.339  -6.213  -14.851 1.00 0.00 ? 11 DA A "H5'"  1 
ATOM 346 H "H5''" . DA A 1 11 ? -5.913  -6.274  -16.523 1.00 0.00 ? 11 DA A "H5''" 1 
ATOM 347 H "H4'"  . DA A 1 11 ? -4.157  -7.974  -16.022 1.00 0.00 ? 11 DA A "H4'"  1 
ATOM 348 H "H3'"  . DA A 1 11 ? -6.642  -8.430  -17.360 1.00 0.00 ? 11 DA A "H3'"  1 
ATOM 349 H "H2'"  . DA A 1 11 ? -7.483  -9.829  -15.701 1.00 0.00 ? 11 DA A "H2'"  1 
ATOM 350 H "H2''" . DA A 1 11 ? -6.574  -11.077 -16.594 1.00 0.00 ? 11 DA A "H2''" 1 
ATOM 351 H "H1'"  . DA A 1 11 ? -4.627  -10.751 -15.194 1.00 0.00 ? 11 DA A "H1'"  1 
ATOM 352 H H8     . DA A 1 11 ? -8.077  -10.126 -13.438 1.00 0.00 ? 11 DA A H8     1 
ATOM 353 H H61    . DA A 1 11 ? -6.147  -14.271 -9.281  1.00 0.00 ? 11 DA A H61    1 
ATOM 354 H H62    . DA A 1 11 ? -7.449  -13.205 -9.771  1.00 0.00 ? 11 DA A H62    1 
ATOM 355 H H2     . DA A 1 11 ? -2.847  -13.670 -12.249 1.00 0.00 ? 11 DA A H2     1 
ATOM 356 P P      . DC A 1 12 ? -5.238  -10.232 -19.126 1.00 0.00 ? 12 DC A P      1 
ATOM 357 O OP1    . DC A 1 12 ? -4.462  -9.625  -20.230 1.00 0.00 ? 12 DC A OP1    1 
ATOM 358 O OP2    . DC A 1 12 ? -6.708  -10.353 -19.237 1.00 0.00 ? 12 DC A OP2    1 
ATOM 359 O "O5'"  . DC A 1 12 ? -4.640  -11.697 -18.833 1.00 0.00 ? 12 DC A "O5'"  1 
ATOM 360 C "C5'"  . DC A 1 12 ? -3.259  -11.984 -18.984 1.00 0.00 ? 12 DC A "C5'"  1 
ATOM 361 C "C4'"  . DC A 1 12 ? -2.949  -13.294 -18.255 1.00 0.00 ? 12 DC A "C4'"  1 
ATOM 362 O "O4'"  . DC A 1 12 ? -3.445  -13.242 -16.932 1.00 0.00 ? 12 DC A "O4'"  1 
ATOM 363 C "C3'"  . DC A 1 12 ? -3.621  -14.502 -18.914 1.00 0.00 ? 12 DC A "C3'"  1 
ATOM 364 O "O3'"  . DC A 1 12 ? -2.718  -15.196 -19.748 1.00 0.00 ? 12 DC A "O3'"  1 
ATOM 365 C "C2'"  . DC A 1 12 ? -4.059  -15.368 -17.735 1.00 0.00 ? 12 DC A "C2'"  1 
ATOM 366 C "C1'"  . DC A 1 12 ? -3.646  -14.572 -16.495 1.00 0.00 ? 12 DC A "C1'"  1 
ATOM 367 N N1     . DC A 1 12 ? -4.720  -14.633 -15.466 1.00 0.00 ? 12 DC A N1     1 
ATOM 368 C C2     . DC A 1 12 ? -4.565  -15.472 -14.362 1.00 0.00 ? 12 DC A C2     1 
ATOM 369 O O2     . DC A 1 12 ? -3.519  -16.085 -14.165 1.00 0.00 ? 12 DC A O2     1 
ATOM 370 N N3     . DC A 1 12 ? -5.606  -15.591 -13.487 1.00 0.00 ? 12 DC A N3     1 
ATOM 371 C C4     . DC A 1 12 ? -6.756  -14.928 -13.678 1.00 0.00 ? 12 DC A C4     1 
ATOM 372 N N4     . DC A 1 12 ? -7.732  -15.069 -12.777 1.00 0.00 ? 12 DC A N4     1 
ATOM 373 C C5     . DC A 1 12 ? -6.935  -14.055 -14.804 1.00 0.00 ? 12 DC A C5     1 
ATOM 374 C C6     . DC A 1 12 ? -5.893  -13.943 -15.660 1.00 0.00 ? 12 DC A C6     1 
ATOM 375 H "H5'"  . DC A 1 12 ? -2.642  -11.187 -18.566 1.00 0.00 ? 12 DC A "H5'"  1 
ATOM 376 H "H5''" . DC A 1 12 ? -3.017  -12.085 -20.043 1.00 0.00 ? 12 DC A "H5''" 1 
ATOM 377 H "H4'"  . DC A 1 12 ? -1.870  -13.455 -18.218 1.00 0.00 ? 12 DC A "H4'"  1 
ATOM 378 H "H3'"  . DC A 1 12 ? -4.502  -14.201 -19.484 1.00 0.00 ? 12 DC A "H3'"  1 
ATOM 379 H "HO3'" . DC A 1 12 ? -2.461  -14.615 -20.467 1.00 0.00 ? 12 DC A "HO3'" 1 
ATOM 380 H "H2'"  . DC A 1 12 ? -5.140  -15.501 -17.777 1.00 0.00 ? 12 DC A "H2'"  1 
ATOM 381 H "H2''" . DC A 1 12 ? -3.575  -16.343 -17.736 1.00 0.00 ? 12 DC A "H2''" 1 
ATOM 382 H "H1'"  . DC A 1 12 ? -2.688  -14.949 -16.139 1.00 0.00 ? 12 DC A "H1'"  1 
ATOM 383 H H41    . DC A 1 12 ? -7.578  -15.659 -11.969 1.00 0.00 ? 12 DC A H41    1 
ATOM 384 H H42    . DC A 1 12 ? -8.597  -14.558 -12.876 1.00 0.00 ? 12 DC A H42    1 
ATOM 385 H H5     . DC A 1 12 ? -7.840  -13.495 -14.988 1.00 0.00 ? 12 DC A H5     1 
ATOM 386 H H6     . DC A 1 12 ? -5.984  -13.316 -16.534 1.00 0.00 ? 12 DC A H6     1 
ATOM 387 O "O5'"  . DG B 1 1  ? -4.584  -22.680 -5.524  1.00 0.00 ? 13 DG B "O5'"  1 
ATOM 388 C "C5'"  . DG B 1 1  ? -3.551  -23.425 -6.135  1.00 0.00 ? 13 DG B "C5'"  1 
ATOM 389 C "C4'"  . DG B 1 1  ? -2.544  -22.504 -6.833  1.00 0.00 ? 13 DG B "C4'"  1 
ATOM 390 O "O4'"  . DG B 1 1  ? -3.208  -21.767 -7.849  1.00 0.00 ? 13 DG B "O4'"  1 
ATOM 391 C "C3'"  . DG B 1 1  ? -1.897  -21.500 -5.867  1.00 0.00 ? 13 DG B "C3'"  1 
ATOM 392 O "O3'"  . DG B 1 1  ? -0.514  -21.402 -6.166  1.00 0.00 ? 13 DG B "O3'"  1 
ATOM 393 C "C2'"  . DG B 1 1  ? -2.657  -20.219 -6.192  1.00 0.00 ? 13 DG B "C2'"  1 
ATOM 394 C "C1'"  . DG B 1 1  ? -2.913  -20.391 -7.685  1.00 0.00 ? 13 DG B "C1'"  1 
ATOM 395 N N9     . DG B 1 1  ? -4.051  -19.565 -8.154  1.00 0.00 ? 13 DG B N9     1 
ATOM 396 C C8     . DG B 1 1  ? -5.359  -19.602 -7.739  1.00 0.00 ? 13 DG B C8     1 
ATOM 397 N N7     . DG B 1 1  ? -6.146  -18.776 -8.368  1.00 0.00 ? 13 DG B N7     1 
ATOM 398 C C5     . DG B 1 1  ? -5.308  -18.155 -9.288  1.00 0.00 ? 13 DG B C5     1 
ATOM 399 C C6     . DG B 1 1  ? -5.606  -17.169 -10.277 1.00 0.00 ? 13 DG B C6     1 
ATOM 400 O O6     . DG B 1 1  ? -6.683  -16.621 -10.499 1.00 0.00 ? 13 DG B O6     1 
ATOM 401 N N1     . DG B 1 1  ? -4.496  -16.837 -11.047 1.00 0.00 ? 13 DG B N1     1 
ATOM 402 C C2     . DG B 1 1  ? -3.231  -17.367 -10.863 1.00 0.00 ? 13 DG B C2     1 
ATOM 403 N N2     . DG B 1 1  ? -2.265  -16.943 -11.683 1.00 0.00 ? 13 DG B N2     1 
ATOM 404 N N3     . DG B 1 1  ? -2.944  -18.274 -9.915  1.00 0.00 ? 13 DG B N3     1 
ATOM 405 C C4     . DG B 1 1  ? -4.023  -18.634 -9.168  1.00 0.00 ? 13 DG B C4     1 
ATOM 406 H "H5'"  . DG B 1 1  ? -3.990  -24.104 -6.868  1.00 0.00 ? 13 DG B "H5'"  1 
ATOM 407 H "H5''" . DG B 1 1  ? -3.038  -24.014 -5.373  1.00 0.00 ? 13 DG B "H5''" 1 
ATOM 408 H "H4'"  . DG B 1 1  ? -1.774  -23.132 -7.286  1.00 0.00 ? 13 DG B "H4'"  1 
ATOM 409 H "H3'"  . DG B 1 1  ? -2.034  -21.799 -4.826  1.00 0.00 ? 13 DG B "H3'"  1 
ATOM 410 H "H2'"  . DG B 1 1  ? -3.595  -20.215 -5.636  1.00 0.00 ? 13 DG B "H2'"  1 
ATOM 411 H "H2''" . DG B 1 1  ? -2.094  -19.314 -5.970  1.00 0.00 ? 13 DG B "H2''" 1 
ATOM 412 H "H1'"  . DG B 1 1  ? -2.003  -20.152 -8.235  1.00 0.00 ? 13 DG B "H1'"  1 
ATOM 413 H H8     . DG B 1 1  ? -5.712  -20.255 -6.954  1.00 0.00 ? 13 DG B H8     1 
ATOM 414 H H1     . DG B 1 1  ? -4.649  -16.167 -11.790 1.00 0.00 ? 13 DG B H1     1 
ATOM 415 H H21    . DG B 1 1  ? -2.483  -16.309 -12.441 1.00 0.00 ? 13 DG B H21    1 
ATOM 416 H H22    . DG B 1 1  ? -1.326  -17.293 -11.567 1.00 0.00 ? 13 DG B H22    1 
ATOM 417 H "HO5'" . DG B 1 1  ? -5.192  -23.291 -5.102  1.00 0.00 ? 13 DG B "HO5'" 1 
ATOM 418 P P      . DT B 1 2  ? 0.499   -20.470 -5.316  1.00 0.00 ? 14 DT B P      1 
ATOM 419 O OP1    . DT B 1 2  ? 1.791   -21.183 -5.202  1.00 0.00 ? 14 DT B OP1    1 
ATOM 420 O OP2    . DT B 1 2  ? -0.196  -20.010 -4.092  1.00 0.00 ? 14 DT B OP2    1 
ATOM 421 O "O5'"  . DT B 1 2  ? 0.708   -19.196 -6.283  1.00 0.00 ? 14 DT B "O5'"  1 
ATOM 422 C "C5'"  . DT B 1 2  ? 1.429   -19.313 -7.495  1.00 0.00 ? 14 DT B "C5'"  1 
ATOM 423 C "C4'"  . DT B 1 2  ? 1.456   -17.980 -8.247  1.00 0.00 ? 14 DT B "C4'"  1 
ATOM 424 O "O4'"  . DT B 1 2  ? 0.127   -17.557 -8.512  1.00 0.00 ? 14 DT B "O4'"  1 
ATOM 425 C "C3'"  . DT B 1 2  ? 2.160   -16.856 -7.467  1.00 0.00 ? 14 DT B "C3'"  1 
ATOM 426 O "O3'"  . DT B 1 2  ? 3.006   -16.164 -8.375  1.00 0.00 ? 14 DT B "O3'"  1 
ATOM 427 C "C2'"  . DT B 1 2  ? 0.974   -16.015 -6.994  1.00 0.00 ? 14 DT B "C2'"  1 
ATOM 428 C "C1'"  . DT B 1 2  ? 0.035   -16.185 -8.186  1.00 0.00 ? 14 DT B "C1'"  1 
ATOM 429 N N1     . DT B 1 2  ? -1.386  -15.812 -7.938  1.00 0.00 ? 14 DT B N1     1 
ATOM 430 C C2     . DT B 1 2  ? -2.039  -15.035 -8.898  1.00 0.00 ? 14 DT B C2     1 
ATOM 431 O O2     . DT B 1 2  ? -1.473  -14.542 -9.871  1.00 0.00 ? 14 DT B O2     1 
ATOM 432 N N3     . DT B 1 2  ? -3.403  -14.858 -8.723  1.00 0.00 ? 14 DT B N3     1 
ATOM 433 C C4     . DT B 1 2  ? -4.176  -15.410 -7.715  1.00 0.00 ? 14 DT B C4     1 
ATOM 434 O O4     . DT B 1 2  ? -5.391  -15.229 -7.704  1.00 0.00 ? 14 DT B O4     1 
ATOM 435 C C5     . DT B 1 2  ? -3.426  -16.182 -6.743  1.00 0.00 ? 14 DT B C5     1 
ATOM 436 C C7     . DT B 1 2  ? -4.138  -16.802 -5.556  1.00 0.00 ? 14 DT B C7     1 
ATOM 437 C C6     . DT B 1 2  ? -2.088  -16.358 -6.886  1.00 0.00 ? 14 DT B C6     1 
ATOM 438 H "H5'"  . DT B 1 2  ? 0.959   -20.064 -8.131  1.00 0.00 ? 14 DT B "H5'"  1 
ATOM 439 H "H5''" . DT B 1 2  ? 2.456   -19.621 -7.289  1.00 0.00 ? 14 DT B "H5''" 1 
ATOM 440 H "H4'"  . DT B 1 2  ? 1.968   -18.141 -9.197  1.00 0.00 ? 14 DT B "H4'"  1 
ATOM 441 H "H3'"  . DT B 1 2  ? 2.740   -17.244 -6.628  1.00 0.00 ? 14 DT B "H3'"  1 
ATOM 442 H "H2'"  . DT B 1 2  ? 0.581   -16.470 -6.088  1.00 0.00 ? 14 DT B "H2'"  1 
ATOM 443 H "H2''" . DT B 1 2  ? 1.217   -14.973 -6.800  1.00 0.00 ? 14 DT B "H2''" 1 
ATOM 444 H "H1'"  . DT B 1 2  ? 0.467   -15.614 -9.008  1.00 0.00 ? 14 DT B "H1'"  1 
ATOM 445 H H3     . DT B 1 2  ? -3.880  -14.321 -9.433  1.00 0.00 ? 14 DT B H3     1 
ATOM 446 H H71    . DT B 1 2  ? -5.042  -16.240 -5.320  1.00 0.00 ? 14 DT B H71    1 
ATOM 447 H H72    . DT B 1 2  ? -4.413  -17.828 -5.790  1.00 0.00 ? 14 DT B H72    1 
ATOM 448 H H73    . DT B 1 2  ? -3.487  -16.798 -4.681  1.00 0.00 ? 14 DT B H73    1 
ATOM 449 H H6     . DT B 1 2  ? -1.572  -16.966 -6.163  1.00 0.00 ? 14 DT B H6     1 
ATOM 450 P P      . DG B 1 3  ? 3.915   -14.899 -7.944  1.00 0.00 ? 15 DG B P      1 
ATOM 451 O OP1    . DG B 1 3  ? 4.991   -14.743 -8.949  1.00 0.00 ? 15 DG B OP1    1 
ATOM 452 O OP2    . DG B 1 3  ? 4.260   -15.032 -6.512  1.00 0.00 ? 15 DG B OP2    1 
ATOM 453 O "O5'"  . DG B 1 3  ? 2.897   -13.661 -8.104  1.00 0.00 ? 15 DG B "O5'"  1 
ATOM 454 C "C5'"  . DG B 1 3  ? 2.416   -13.257 -9.372  1.00 0.00 ? 15 DG B "C5'"  1 
ATOM 455 C "C4'"  . DG B 1 3  ? 1.356   -12.165 -9.210  1.00 0.00 ? 15 DG B "C4'"  1 
ATOM 456 O "O4'"  . DG B 1 3  ? 0.268   -12.650 -8.439  1.00 0.00 ? 15 DG B "O4'"  1 
ATOM 457 C "C3'"  . DG B 1 3  ? 1.911   -10.929 -8.492  1.00 0.00 ? 15 DG B "C3'"  1 
ATOM 458 O "O3'"  . DG B 1 3  ? 1.403   -9.789  -9.161  1.00 0.00 ? 15 DG B "O3'"  1 
ATOM 459 C "C2'"  . DG B 1 3  ? 1.329   -11.088 -7.086  1.00 0.00 ? 15 DG B "C2'"  1 
ATOM 460 C "C1'"  . DG B 1 3  ? -0.023  -11.710 -7.423  1.00 0.00 ? 15 DG B "C1'"  1 
ATOM 461 N N9     . DG B 1 3  ? -0.710  -12.391 -6.301  1.00 0.00 ? 15 DG B N9     1 
ATOM 462 C C8     . DG B 1 3  ? -0.176  -13.028 -5.208  1.00 0.00 ? 15 DG B C8     1 
ATOM 463 N N7     . DG B 1 3  ? -1.060  -13.574 -4.421  1.00 0.00 ? 15 DG B N7     1 
ATOM 464 C C5     . DG B 1 3  ? -2.275  -13.277 -5.027  1.00 0.00 ? 15 DG B C5     1 
ATOM 465 C C6     . DG B 1 3  ? -3.606  -13.588 -4.613  1.00 0.00 ? 15 DG B C6     1 
ATOM 466 O O6     . DG B 1 3  ? -3.968  -14.200 -3.612  1.00 0.00 ? 15 DG B O6     1 
ATOM 467 N N1     . DG B 1 3  ? -4.565  -13.106 -5.499  1.00 0.00 ? 15 DG B N1     1 
ATOM 468 C C2     . DG B 1 3  ? -4.277  -12.394 -6.649  1.00 0.00 ? 15 DG B C2     1 
ATOM 469 N N2     . DG B 1 3  ? -5.315  -11.995 -7.389  1.00 0.00 ? 15 DG B N2     1 
ATOM 470 N N3     . DG B 1 3  ? -3.027  -12.099 -7.038  1.00 0.00 ? 15 DG B N3     1 
ATOM 471 C C4     . DG B 1 3  ? -2.072  -12.562 -6.184  1.00 0.00 ? 15 DG B C4     1 
ATOM 472 H "H5'"  . DG B 1 3  ? 1.972   -14.104 -9.896  1.00 0.00 ? 15 DG B "H5'"  1 
ATOM 473 H "H5''" . DG B 1 3  ? 3.242   -12.872 -9.973  1.00 0.00 ? 15 DG B "H5''" 1 
ATOM 474 H "H4'"  . DG B 1 3  ? 0.998   -11.891 -10.204 1.00 0.00 ? 15 DG B "H4'"  1 
ATOM 475 H "H3'"  . DG B 1 3  ? 3.001   -10.929 -8.488  1.00 0.00 ? 15 DG B "H3'"  1 
ATOM 476 H "H2'"  . DG B 1 3  ? 1.957   -11.781 -6.526  1.00 0.00 ? 15 DG B "H2'"  1 
ATOM 477 H "H2''" . DG B 1 3  ? 1.227   -10.150 -6.544  1.00 0.00 ? 15 DG B "H2''" 1 
ATOM 478 H "H1'"  . DG B 1 3  ? -0.657  -10.905 -7.802  1.00 0.00 ? 15 DG B "H1'"  1 
ATOM 479 H H8     . DG B 1 3  ? 0.883   -13.086 -5.007  1.00 0.00 ? 15 DG B H8     1 
ATOM 480 H H1     . DG B 1 3  ? -5.529  -13.297 -5.271  1.00 0.00 ? 15 DG B H1     1 
ATOM 481 H H21    . DG B 1 3  ? -6.260  -12.203 -7.105  1.00 0.00 ? 15 DG B H21    1 
ATOM 482 H H22    . DG B 1 3  ? -5.151  -11.425 -8.212  1.00 0.00 ? 15 DG B H22    1 
ATOM 483 P P      . DG B 1 4  ? 1.967   -8.300  -8.902  1.00 0.00 ? 16 DG B P      1 
ATOM 484 O OP1    . DG B 1 4  ? 2.694   -7.852  -10.111 1.00 0.00 ? 16 DG B OP1    1 
ATOM 485 O OP2    . DG B 1 4  ? 2.629   -8.255  -7.579  1.00 0.00 ? 16 DG B OP2    1 
ATOM 486 O "O5'"  . DG B 1 4  ? 0.586   -7.485  -8.794  1.00 0.00 ? 16 DG B "O5'"  1 
ATOM 487 C "C5'"  . DG B 1 4  ? -0.143  -7.079  -9.937  1.00 0.00 ? 16 DG B "C5'"  1 
ATOM 488 C "C4'"  . DG B 1 4  ? -1.596  -6.797  -9.539  1.00 0.00 ? 16 DG B "C4'"  1 
ATOM 489 O "O4'"  . DG B 1 4  ? -2.244  -7.956  -9.048  1.00 0.00 ? 16 DG B "O4'"  1 
ATOM 490 C "C3'"  . DG B 1 4  ? -1.693  -5.753  -8.427  1.00 0.00 ? 16 DG B "C3'"  1 
ATOM 491 O "O3'"  . DG B 1 4  ? -1.583  -4.458  -8.990  1.00 0.00 ? 16 DG B "O3'"  1 
ATOM 492 C "C2'"  . DG B 1 4  ? -3.062  -6.077  -7.845  1.00 0.00 ? 16 DG B "C2'"  1 
ATOM 493 C "C1'"  . DG B 1 4  ? -3.172  -7.593  -8.037  1.00 0.00 ? 16 DG B "C1'"  1 
ATOM 494 N N9     . DG B 1 4  ? -2.837  -8.375  -6.819  1.00 0.00 ? 16 DG B N9     1 
ATOM 495 C C8     . DG B 1 4  ? -1.599  -8.725  -6.341  1.00 0.00 ? 16 DG B C8     1 
ATOM 496 N N7     . DG B 1 4  ? -1.621  -9.450  -5.258  1.00 0.00 ? 16 DG B N7     1 
ATOM 497 C C5     . DG B 1 4  ? -2.975  -9.612  -4.997  1.00 0.00 ? 16 DG B C5     1 
ATOM 498 C C6     . DG B 1 4  ? -3.629  -10.312 -3.938  1.00 0.00 ? 16 DG B C6     1 
ATOM 499 O O6     . DG B 1 4  ? -3.117  -10.905 -2.993  1.00 0.00 ? 16 DG B O6     1 
ATOM 500 N N1     . DG B 1 4  ? -5.016  -10.281 -4.054  1.00 0.00 ? 16 DG B N1     1 
ATOM 501 C C2     . DG B 1 4  ? -5.696  -9.656  -5.082  1.00 0.00 ? 16 DG B C2     1 
ATOM 502 N N2     . DG B 1 4  ? -7.032  -9.703  -5.057  1.00 0.00 ? 16 DG B N2     1 
ATOM 503 N N3     . DG B 1 4  ? -5.080  -9.005  -6.080  1.00 0.00 ? 16 DG B N3     1 
ATOM 504 C C4     . DG B 1 4  ? -3.726  -9.001  -5.975  1.00 0.00 ? 16 DG B C4     1 
ATOM 505 H "H5'"  . DG B 1 4  ? -0.122  -7.845  -10.713 1.00 0.00 ? 16 DG B "H5'"  1 
ATOM 506 H "H5''" . DG B 1 4  ? 0.309   -6.170  -10.337 1.00 0.00 ? 16 DG B "H5''" 1 
ATOM 507 H "H4'"  . DG B 1 4  ? -2.147  -6.463  -10.421 1.00 0.00 ? 16 DG B "H4'"  1 
ATOM 508 H "H3'"  . DG B 1 4  ? -0.935  -5.934  -7.665  1.00 0.00 ? 16 DG B "H3'"  1 
ATOM 509 H "H2'"  . DG B 1 4  ? -3.154  -5.775  -6.810  1.00 0.00 ? 16 DG B "H2'"  1 
ATOM 510 H "H2''" . DG B 1 4  ? -3.844  -5.585  -8.419  1.00 0.00 ? 16 DG B "H2''" 1 
ATOM 511 H "H1'"  . DG B 1 4  ? -4.198  -7.798  -8.339  1.00 0.00 ? 16 DG B "H1'"  1 
ATOM 512 H H8     . DG B 1 4  ? -0.678  -8.449  -6.824  1.00 0.00 ? 16 DG B H8     1 
ATOM 513 H H1     . DG B 1 4  ? -5.540  -10.740 -3.325  1.00 0.00 ? 16 DG B H1     1 
ATOM 514 H H21    . DG B 1 4  ? -7.524  -10.143 -4.295  1.00 0.00 ? 16 DG B H21    1 
ATOM 515 H H22    . DG B 1 4  ? -7.548  -9.219  -5.787  1.00 0.00 ? 16 DG B H22    1 
ATOM 516 P P      . DA B 1 5  ? -1.480  -3.118  -8.097  1.00 0.00 ? 17 DA B P      1 
ATOM 517 O OP1    . DA B 1 5  ? -0.920  -2.047  -8.950  1.00 0.00 ? 17 DA B OP1    1 
ATOM 518 O OP2    . DA B 1 5  ? -0.815  -3.449  -6.817  1.00 0.00 ? 17 DA B OP2    1 
ATOM 519 O "O5'"  . DA B 1 5  ? -3.012  -2.741  -7.779  1.00 0.00 ? 17 DA B "O5'"  1 
ATOM 520 C "C5'"  . DA B 1 5  ? -3.957  -2.504  -8.809  1.00 0.00 ? 17 DA B "C5'"  1 
ATOM 521 C "C4'"  . DA B 1 5  ? -5.067  -1.570  -8.311  1.00 0.00 ? 17 DA B "C4'"  1 
ATOM 522 O "O4'"  . DA B 1 5  ? -5.466  -1.977  -7.009  1.00 0.00 ? 17 DA B "O4'"  1 
ATOM 523 C "C3'"  . DA B 1 5  ? -4.604  -0.109  -8.215  1.00 0.00 ? 17 DA B "C3'"  1 
ATOM 524 O "O3'"  . DA B 1 5  ? -5.716  0.740   -8.469  1.00 0.00 ? 17 DA B "O3'"  1 
ATOM 525 C "C2'"  . DA B 1 5  ? -4.137  -0.044  -6.768  1.00 0.00 ? 17 DA B "C2'"  1 
ATOM 526 C "C1'"  . DA B 1 5  ? -5.193  -0.921  -6.103  1.00 0.00 ? 17 DA B "C1'"  1 
ATOM 527 N N9     . DA B 1 5  ? -4.782  -1.439  -4.779  1.00 0.00 ? 17 DA B N9     1 
ATOM 528 C C8     . DA B 1 5  ? -3.573  -1.954  -4.371  1.00 0.00 ? 17 DA B C8     1 
ATOM 529 N N7     . DA B 1 5  ? -3.569  -2.399  -3.146  1.00 0.00 ? 17 DA B N7     1 
ATOM 530 C C5     . DA B 1 5  ? -4.863  -2.163  -2.703  1.00 0.00 ? 17 DA B C5     1 
ATOM 531 C C6     . DA B 1 5  ? -5.531  -2.417  -1.485  1.00 0.00 ? 17 DA B C6     1 
ATOM 532 N N6     . DA B 1 5  ? -4.940  -2.993  -0.437  1.00 0.00 ? 17 DA B N6     1 
ATOM 533 N N1     . DA B 1 5  ? -6.820  -2.045  -1.368  1.00 0.00 ? 17 DA B N1     1 
ATOM 534 C C2     . DA B 1 5  ? -7.422  -1.475  -2.410  1.00 0.00 ? 17 DA B C2     1 
ATOM 535 N N3     . DA B 1 5  ? -6.914  -1.198  -3.607  1.00 0.00 ? 17 DA B N3     1 
ATOM 536 C C4     . DA B 1 5  ? -5.608  -1.567  -3.689  1.00 0.00 ? 17 DA B C4     1 
ATOM 537 H "H5'"  . DA B 1 5  ? -4.397  -3.455  -9.108  1.00 0.00 ? 17 DA B "H5'"  1 
ATOM 538 H "H5''" . DA B 1 5  ? -3.485  -2.054  -9.684  1.00 0.00 ? 17 DA B "H5''" 1 
ATOM 539 H "H4'"  . DA B 1 5  ? -5.909  -1.645  -9.001  1.00 0.00 ? 17 DA B "H4'"  1 
ATOM 540 H "H3'"  . DA B 1 5  ? -3.795  0.114   -8.913  1.00 0.00 ? 17 DA B "H3'"  1 
ATOM 541 H "H2'"  . DA B 1 5  ? -3.143  -0.485  -6.697  1.00 0.00 ? 17 DA B "H2'"  1 
ATOM 542 H "H2''" . DA B 1 5  ? -4.120  0.965   -6.367  1.00 0.00 ? 17 DA B "H2''" 1 
ATOM 543 H "H1'"  . DA B 1 5  ? -6.101  -0.329  -6.002  1.00 0.00 ? 17 DA B "H1'"  1 
ATOM 544 H H8     . DA B 1 5  ? -2.702  -2.009  -5.006  1.00 0.00 ? 17 DA B H8     1 
ATOM 545 H H61    . DA B 1 5  ? -5.447  -3.105  0.431   1.00 0.00 ? 17 DA B H61    1 
ATOM 546 H H62    . DA B 1 5  ? -4.012  -3.390  -0.533  1.00 0.00 ? 17 DA B H62    1 
ATOM 547 H H2     . DA B 1 5  ? -8.458  -1.209  -2.277  1.00 0.00 ? 17 DA B H2     1 
ATOM 548 P P      . DA B 1 6  ? -5.625  2.357   -8.395  1.00 0.00 ? 18 DA B P      1 
ATOM 549 O OP1    . DA B 1 6  ? -6.688  2.915   -9.261  1.00 0.00 ? 18 DA B OP1    1 
ATOM 550 O OP2    . DA B 1 6  ? -4.218  2.760   -8.608  1.00 0.00 ? 18 DA B OP2    1 
ATOM 551 O "O5'"  . DA B 1 6  ? -6.013  2.673   -6.860  1.00 0.00 ? 18 DA B "O5'"  1 
ATOM 552 C "C5'"  . DA B 1 6  ? -7.333  2.486   -6.384  1.00 0.00 ? 18 DA B "C5'"  1 
ATOM 553 C "C4'"  . DA B 1 6  ? -7.379  2.649   -4.862  1.00 0.00 ? 18 DA B "C4'"  1 
ATOM 554 O "O4'"  . DA B 1 6  ? -6.447  1.757   -4.270  1.00 0.00 ? 18 DA B "O4'"  1 
ATOM 555 C "C3'"  . DA B 1 6  ? -7.036  4.072   -4.392  1.00 0.00 ? 18 DA B "C3'"  1 
ATOM 556 O "O3'"  . DA B 1 6  ? -8.032  4.510   -3.478  1.00 0.00 ? 18 DA B "O3'"  1 
ATOM 557 C "C2'"  . DA B 1 6  ? -5.679  3.872   -3.720  1.00 0.00 ? 18 DA B "C2'"  1 
ATOM 558 C "C1'"  . DA B 1 6  ? -5.796  2.434   -3.219  1.00 0.00 ? 18 DA B "C1'"  1 
ATOM 559 N N9     . DA B 1 6  ? -4.489  1.800   -2.922  1.00 0.00 ? 18 DA B N9     1 
ATOM 560 C C8     . DA B 1 6  ? -3.359  1.731   -3.704  1.00 0.00 ? 18 DA B C8     1 
ATOM 561 N N7     . DA B 1 6  ? -2.387  1.035   -3.186  1.00 0.00 ? 18 DA B N7     1 
ATOM 562 C C5     . DA B 1 6  ? -2.904  0.606   -1.972  1.00 0.00 ? 18 DA B C5     1 
ATOM 563 C C6     . DA B 1 6  ? -2.374  -0.189  -0.936  1.00 0.00 ? 18 DA B C6     1 
ATOM 564 N N6     . DA B 1 6  ? -1.145  -0.715  -0.979  1.00 0.00 ? 18 DA B N6     1 
ATOM 565 N N1     . DA B 1 6  ? -3.142  -0.426  0.144   1.00 0.00 ? 18 DA B N1     1 
ATOM 566 C C2     . DA B 1 6  ? -4.364  0.099   0.197   1.00 0.00 ? 18 DA B C2     1 
ATOM 567 N N3     . DA B 1 6  ? -4.977  0.855   -0.710  1.00 0.00 ? 18 DA B N3     1 
ATOM 568 C C4     . DA B 1 6  ? -4.181  1.076   -1.793  1.00 0.00 ? 18 DA B C4     1 
ATOM 569 H "H5'"  . DA B 1 6  ? -7.676  1.481   -6.634  1.00 0.00 ? 18 DA B "H5'"  1 
ATOM 570 H "H5''" . DA B 1 6  ? -8.004  3.210   -6.848  1.00 0.00 ? 18 DA B "H5''" 1 
ATOM 571 H "H4'"  . DA B 1 6  ? -8.384  2.387   -4.525  1.00 0.00 ? 18 DA B "H4'"  1 
ATOM 572 H "H3'"  . DA B 1 6  ? -6.962  4.766   -5.231  1.00 0.00 ? 18 DA B "H3'"  1 
ATOM 573 H "H2'"  . DA B 1 6  ? -4.916  3.967   -4.491  1.00 0.00 ? 18 DA B "H2'"  1 
ATOM 574 H "H2''" . DA B 1 6  ? -5.485  4.574   -2.912  1.00 0.00 ? 18 DA B "H2''" 1 
ATOM 575 H "H1'"  . DA B 1 6  ? -6.434  2.412   -2.335  1.00 0.00 ? 18 DA B "H1'"  1 
ATOM 576 H H8     . DA B 1 6  ? -3.261  2.213   -4.664  1.00 0.00 ? 18 DA B H8     1 
ATOM 577 H H61    . DA B 1 6  ? -0.808  -1.284  -0.215  1.00 0.00 ? 18 DA B H61    1 
ATOM 578 H H62    . DA B 1 6  ? -0.563  -0.546  -1.786  1.00 0.00 ? 18 DA B H62    1 
ATOM 579 H H2     . DA B 1 6  ? -4.933  -0.133  1.085   1.00 0.00 ? 18 DA B H2     1 
ATOM 580 P P      . DT B 1 7  ? -8.050  5.999   -2.843  1.00 0.00 ? 19 DT B P      1 
ATOM 581 O OP1    . DT B 1 7  ? -9.416  6.549   -2.993  1.00 0.00 ? 19 DT B OP1    1 
ATOM 582 O OP2    . DT B 1 7  ? -6.890  6.758   -3.364  1.00 0.00 ? 19 DT B OP2    1 
ATOM 583 O "O5'"  . DT B 1 7  ? -7.792  5.702   -1.279  1.00 0.00 ? 19 DT B "O5'"  1 
ATOM 584 C "C5'"  . DT B 1 7  ? -8.793  5.101   -0.478  1.00 0.00 ? 19 DT B "C5'"  1 
ATOM 585 C "C4'"  . DT B 1 7  ? -8.220  4.674   0.876   1.00 0.00 ? 19 DT B "C4'"  1 
ATOM 586 O "O4'"  . DT B 1 7  ? -7.041  3.910   0.669   1.00 0.00 ? 19 DT B "O4'"  1 
ATOM 587 C "C3'"  . DT B 1 7  ? -7.861  5.856   1.792   1.00 0.00 ? 19 DT B "C3'"  1 
ATOM 588 O "O3'"  . DT B 1 7  ? -8.336  5.554   3.097   1.00 0.00 ? 19 DT B "O3'"  1 
ATOM 589 C "C2'"  . DT B 1 7  ? -6.336  5.869   1.704   1.00 0.00 ? 19 DT B "C2'"  1 
ATOM 590 C "C1'"  . DT B 1 7  ? -6.059  4.372   1.573   1.00 0.00 ? 19 DT B "C1'"  1 
ATOM 591 N N1     . DT B 1 7  ? -4.690  4.026   1.091   1.00 0.00 ? 19 DT B N1     1 
ATOM 592 C C2     . DT B 1 7  ? -3.955  3.079   1.807   1.00 0.00 ? 19 DT B C2     1 
ATOM 593 O O2     . DT B 1 7  ? -4.347  2.561   2.851   1.00 0.00 ? 19 DT B O2     1 
ATOM 594 N N3     . DT B 1 7  ? -2.730  2.712   1.268   1.00 0.00 ? 19 DT B N3     1 
ATOM 595 C C4     . DT B 1 7  ? -2.190  3.173   0.079   1.00 0.00 ? 19 DT B C4     1 
ATOM 596 O O4     . DT B 1 7  ? -1.111  2.734   -0.314  1.00 0.00 ? 19 DT B O4     1 
ATOM 597 C C5     . DT B 1 7  ? -3.005  4.161   -0.602  1.00 0.00 ? 19 DT B C5     1 
ATOM 598 C C7     . DT B 1 7  ? -2.514  4.790   -1.892  1.00 0.00 ? 19 DT B C7     1 
ATOM 599 C C6     . DT B 1 7  ? -4.203  4.540   -0.089  1.00 0.00 ? 19 DT B C6     1 
ATOM 600 H "H5'"  . DT B 1 7  ? -9.184  4.214   -0.977  1.00 0.00 ? 19 DT B "H5'"  1 
ATOM 601 H "H5''" . DT B 1 7  ? -9.618  5.799   -0.325  1.00 0.00 ? 19 DT B "H5''" 1 
ATOM 602 H "H4'"  . DT B 1 7  ? -8.964  4.048   1.372   1.00 0.00 ? 19 DT B "H4'"  1 
ATOM 603 H "H3'"  . DT B 1 7  ? -8.293  6.793   1.435   1.00 0.00 ? 19 DT B "H3'"  1 
ATOM 604 H "H2'"  . DT B 1 7  ? -6.058  6.426   0.811   1.00 0.00 ? 19 DT B "H2'"  1 
ATOM 605 H "H2''" . DT B 1 7  ? -5.848  6.308   2.570   1.00 0.00 ? 19 DT B "H2''" 1 
ATOM 606 H "H1'"  . DT B 1 7  ? -6.273  3.931   2.546   1.00 0.00 ? 19 DT B "H1'"  1 
ATOM 607 H H3     . DT B 1 7  ? -2.214  2.002   1.770   1.00 0.00 ? 19 DT B H3     1 
ATOM 608 H H71    . DT B 1 7  ? -2.974  4.294   -2.745  1.00 0.00 ? 19 DT B H71    1 
ATOM 609 H H72    . DT B 1 7  ? -2.778  5.848   -1.917  1.00 0.00 ? 19 DT B H72    1 
ATOM 610 H H73    . DT B 1 7  ? -1.430  4.700   -1.975  1.00 0.00 ? 19 DT B H73    1 
ATOM 611 H H6     . DT B 1 7  ? -4.793  5.249   -0.647  1.00 0.00 ? 19 DT B H6     1 
ATOM 612 P P      . DG B 1 8  ? -8.181  6.564   4.350   1.00 0.00 ? 20 DG B P      1 
ATOM 613 O OP1    . DG B 1 8  ? -9.158  6.161   5.386   1.00 0.00 ? 20 DG B OP1    1 
ATOM 614 O OP2    . DG B 1 8  ? -8.183  7.952   3.838   1.00 0.00 ? 20 DG B OP2    1 
ATOM 615 O "O5'"  . DG B 1 8  ? -6.703  6.233   4.899   1.00 0.00 ? 20 DG B "O5'"  1 
ATOM 616 C "C5'"  . DG B 1 8  ? -6.395  4.990   5.501   1.00 0.00 ? 20 DG B "C5'"  1 
ATOM 617 C "C4'"  . DG B 1 8  ? -4.893  4.905   5.796   1.00 0.00 ? 20 DG B "C4'"  1 
ATOM 618 O "O4'"  . DG B 1 8  ? -4.153  5.008   4.589   1.00 0.00 ? 20 DG B "O4'"  1 
ATOM 619 C "C3'"  . DG B 1 8  ? -4.423  6.036   6.719   1.00 0.00 ? 20 DG B "C3'"  1 
ATOM 620 O "O3'"  . DG B 1 8  ? -3.485  5.484   7.628   1.00 0.00 ? 20 DG B "O3'"  1 
ATOM 621 C "C2'"  . DG B 1 8  ? -3.766  6.997   5.725   1.00 0.00 ? 20 DG B "C2'"  1 
ATOM 622 C "C1'"  . DG B 1 8  ? -3.151  5.993   4.754   1.00 0.00 ? 20 DG B "C1'"  1 
ATOM 623 N N9     . DG B 1 8  ? -2.768  6.543   3.432   1.00 0.00 ? 20 DG B N9     1 
ATOM 624 C C8     . DG B 1 8  ? -3.320  7.585   2.729   1.00 0.00 ? 20 DG B C8     1 
ATOM 625 N N7     . DG B 1 8  ? -2.779  7.790   1.561   1.00 0.00 ? 20 DG B N7     1 
ATOM 626 C C5     . DG B 1 8  ? -1.785  6.823   1.479   1.00 0.00 ? 20 DG B C5     1 
ATOM 627 C C6     . DG B 1 8  ? -0.836  6.570   0.442   1.00 0.00 ? 20 DG B C6     1 
ATOM 628 O O6     . DG B 1 8  ? -0.696  7.165   -0.624  1.00 0.00 ? 20 DG B O6     1 
ATOM 629 N N1     . DG B 1 8  ? 0.009   5.504   0.742   1.00 0.00 ? 20 DG B N1     1 
ATOM 630 C C2     . DG B 1 8  ? -0.045  4.773   1.913   1.00 0.00 ? 20 DG B C2     1 
ATOM 631 N N2     . DG B 1 8  ? 0.856   3.797   2.059   1.00 0.00 ? 20 DG B N2     1 
ATOM 632 N N3     . DG B 1 8  ? -0.937  5.008   2.888   1.00 0.00 ? 20 DG B N3     1 
ATOM 633 C C4     . DG B 1 8  ? -1.775  6.048   2.615   1.00 0.00 ? 20 DG B C4     1 
ATOM 634 H "H5'"  . DG B 1 8  ? -6.670  4.170   4.837   1.00 0.00 ? 20 DG B "H5'"  1 
ATOM 635 H "H5''" . DG B 1 8  ? -6.950  4.886   6.435   1.00 0.00 ? 20 DG B "H5''" 1 
ATOM 636 H "H4'"  . DG B 1 8  ? -4.692  3.936   6.258   1.00 0.00 ? 20 DG B "H4'"  1 
ATOM 637 H "H3'"  . DG B 1 8  ? -5.255  6.495   7.253   1.00 0.00 ? 20 DG B "H3'"  1 
ATOM 638 H "H2'"  . DG B 1 8  ? -4.546  7.591   5.246   1.00 0.00 ? 20 DG B "H2'"  1 
ATOM 639 H "H2''" . DG B 1 8  ? -3.018  7.648   6.174   1.00 0.00 ? 20 DG B "H2''" 1 
ATOM 640 H "H1'"  . DG B 1 8  ? -2.269  5.571   5.242   1.00 0.00 ? 20 DG B "H1'"  1 
ATOM 641 H H8     . DG B 1 8  ? -4.139  8.186   3.094   1.00 0.00 ? 20 DG B H8     1 
ATOM 642 H H1     . DG B 1 8  ? 0.704   5.270   0.050   1.00 0.00 ? 20 DG B H1     1 
ATOM 643 H H21    . DG B 1 8  ? 1.542   3.618   1.342   1.00 0.00 ? 20 DG B H21    1 
ATOM 644 H H22    . DG B 1 8  ? 0.885   3.272   2.927   1.00 0.00 ? 20 DG B H22    1 
ATOM 645 P P      . DG B 1 9  ? -2.993  6.260   8.953   1.00 0.00 ? 21 DG B P      1 
ATOM 646 O OP1    . DG B 1 9  ? -3.583  5.596   10.137  1.00 0.00 ? 21 DG B OP1    1 
ATOM 647 O OP2    . DG B 1 9  ? -3.174  7.716   8.753   1.00 0.00 ? 21 DG B OP2    1 
ATOM 648 O "O5'"  . DG B 1 9  ? -1.416  5.948   8.911   1.00 0.00 ? 21 DG B "O5'"  1 
ATOM 649 C "C5'"  . DG B 1 9  ? -0.870  4.737   9.399   1.00 0.00 ? 21 DG B "C5'"  1 
ATOM 650 C "C4'"  . DG B 1 9  ? 0.543   4.562   8.832   1.00 0.00 ? 21 DG B "C4'"  1 
ATOM 651 O "O4'"  . DG B 1 9  ? 0.526   4.455   7.420   1.00 0.00 ? 21 DG B "O4'"  1 
ATOM 652 C "C3'"  . DG B 1 9  ? 1.449   5.750   9.164   1.00 0.00 ? 21 DG B "C3'"  1 
ATOM 653 O "O3'"  . DG B 1 9  ? 1.972   5.599   10.471  1.00 0.00 ? 21 DG B "O3'"  1 
ATOM 654 C "C2'"  . DG B 1 9  ? 2.479   5.651   8.048   1.00 0.00 ? 21 DG B "C2'"  1 
ATOM 655 C "C1'"  . DG B 1 9  ? 1.688   5.062   6.875   1.00 0.00 ? 21 DG B "C1'"  1 
ATOM 656 N N9     . DG B 1 9  ? 1.238   6.063   5.871   1.00 0.00 ? 21 DG B N9     1 
ATOM 657 C C8     . DG B 1 9  ? 0.138   6.884   5.912   1.00 0.00 ? 21 DG B C8     1 
ATOM 658 N N7     . DG B 1 9  ? -0.024  7.633   4.860   1.00 0.00 ? 21 DG B N7     1 
ATOM 659 C C5     . DG B 1 9  ? 1.031   7.271   4.034   1.00 0.00 ? 21 DG B C5     1 
ATOM 660 C C6     . DG B 1 9  ? 1.380   7.748   2.734   1.00 0.00 ? 21 DG B C6     1 
ATOM 661 O O6     . DG B 1 9  ? 0.838   8.635   2.081   1.00 0.00 ? 21 DG B O6     1 
ATOM 662 N N1     . DG B 1 9  ? 2.477   7.081   2.199   1.00 0.00 ? 21 DG B N1     1 
ATOM 663 C C2     . DG B 1 9  ? 3.161   6.066   2.845   1.00 0.00 ? 21 DG B C2     1 
ATOM 664 N N2     . DG B 1 9  ? 4.203   5.528   2.205   1.00 0.00 ? 21 DG B N2     1 
ATOM 665 N N3     . DG B 1 9  ? 2.834   5.623   4.067   1.00 0.00 ? 21 DG B N3     1 
ATOM 666 C C4     . DG B 1 9  ? 1.773   6.270   4.618   1.00 0.00 ? 21 DG B C4     1 
ATOM 667 H "H5'"  . DG B 1 9  ? -1.484  3.882   9.113   1.00 0.00 ? 21 DG B "H5'"  1 
ATOM 668 H "H5''" . DG B 1 9  ? -0.822  4.784   10.488  1.00 0.00 ? 21 DG B "H5''" 1 
ATOM 669 H "H4'"  . DG B 1 9  ? 0.973   3.639   9.225   1.00 0.00 ? 21 DG B "H4'"  1 
ATOM 670 H "H3'"  . DG B 1 9  ? 0.908   6.690   9.068   1.00 0.00 ? 21 DG B "H3'"  1 
ATOM 671 H "H2'"  . DG B 1 9  ? 2.930   6.606   7.815   1.00 0.00 ? 21 DG B "H2'"  1 
ATOM 672 H "H2''" . DG B 1 9  ? 3.273   4.961   8.328   1.00 0.00 ? 21 DG B "H2''" 1 
ATOM 673 H "H1'"  . DG B 1 9  ? 2.337   4.330   6.398   1.00 0.00 ? 21 DG B "H1'"  1 
ATOM 674 H H8     . DG B 1 9  ? -0.560  6.906   6.729   1.00 0.00 ? 21 DG B H8     1 
ATOM 675 H H1     . DG B 1 9  ? 2.790   7.381   1.288   1.00 0.00 ? 21 DG B H1     1 
ATOM 676 H H21    . DG B 1 9  ? 4.500   5.874   1.306   1.00 0.00 ? 21 DG B H21    1 
ATOM 677 H H22    . DG B 1 9  ? 4.736   4.801   2.673   1.00 0.00 ? 21 DG B H22    1 
ATOM 678 P P      . DA B 1 10 ? 2.817   6.756   11.215  1.00 0.00 ? 22 DA B P      1 
ATOM 679 O OP1    . DA B 1 10 ? 2.681   6.551   12.674  1.00 0.00 ? 22 DA B OP1    1 
ATOM 680 O OP2    . DA B 1 10 ? 2.456   8.067   10.627  1.00 0.00 ? 22 DA B OP2    1 
ATOM 681 O "O5'"  . DA B 1 10 ? 4.342   6.432   10.816  1.00 0.00 ? 22 DA B "O5'"  1 
ATOM 682 C "C5'"  . DA B 1 10 ? 4.911   5.154   11.035  1.00 0.00 ? 22 DA B "C5'"  1 
ATOM 683 C "C4'"  . DA B 1 10 ? 6.443   5.235   11.048  1.00 0.00 ? 22 DA B "C4'"  1 
ATOM 684 O "O4'"  . DA B 1 10 ? 6.877   6.092   10.001  1.00 0.00 ? 22 DA B "O4'"  1 
ATOM 685 C "C3'"  . DA B 1 10 ? 6.997   5.804   12.362  1.00 0.00 ? 22 DA B "C3'"  1 
ATOM 686 O "O3'"  . DA B 1 10 ? 8.272   5.220   12.595  1.00 0.00 ? 22 DA B "O3'"  1 
ATOM 687 C "C2'"  . DA B 1 10 ? 7.074   7.288   12.032  1.00 0.00 ? 22 DA B "C2'"  1 
ATOM 688 C "C1'"  . DA B 1 10 ? 7.514   7.223   10.572  1.00 0.00 ? 22 DA B "C1'"  1 
ATOM 689 N N9     . DA B 1 10 ? 7.197   8.451   9.811   1.00 0.00 ? 22 DA B N9     1 
ATOM 690 C C8     . DA B 1 10 ? 6.053   9.213   9.812   1.00 0.00 ? 22 DA B C8     1 
ATOM 691 N N7     . DA B 1 10 ? 6.064   10.195  8.953   1.00 0.00 ? 22 DA B N7     1 
ATOM 692 C C5     . DA B 1 10 ? 7.303   10.080  8.338   1.00 0.00 ? 22 DA B C5     1 
ATOM 693 C C6     . DA B 1 10 ? 7.942   10.806  7.311   1.00 0.00 ? 22 DA B C6     1 
ATOM 694 N N6     . DA B 1 10 ? 7.373   11.845  6.697   1.00 0.00 ? 22 DA B N6     1 
ATOM 695 N N1     . DA B 1 10 ? 9.188   10.448  6.947   1.00 0.00 ? 22 DA B N1     1 
ATOM 696 C C2     . DA B 1 10 ? 9.756   9.405   7.547   1.00 0.00 ? 22 DA B C2     1 
ATOM 697 N N3     . DA B 1 10 ? 9.257   8.627   8.502   1.00 0.00 ? 22 DA B N3     1 
ATOM 698 C C4     . DA B 1 10 ? 8.009   9.027   8.864   1.00 0.00 ? 22 DA B C4     1 
ATOM 699 H "H5'"  . DA B 1 10 ? 4.598   4.489   10.229  1.00 0.00 ? 22 DA B "H5'"  1 
ATOM 700 H "H5''" . DA B 1 10 ? 4.572   4.729   11.981  1.00 0.00 ? 22 DA B "H5''" 1 
ATOM 701 H "H4'"  . DA B 1 10 ? 6.833   4.228   10.892  1.00 0.00 ? 22 DA B "H4'"  1 
ATOM 702 H "H3'"  . DA B 1 10 ? 6.336   5.618   13.210  1.00 0.00 ? 22 DA B "H3'"  1 
ATOM 703 H "H2'"  . DA B 1 10 ? 6.085   7.729   12.139  1.00 0.00 ? 22 DA B "H2'"  1 
ATOM 704 H "H2''" . DA B 1 10 ? 7.781   7.831   12.652  1.00 0.00 ? 22 DA B "H2''" 1 
ATOM 705 H "H1'"  . DA B 1 10 ? 8.588   7.048   10.559  1.00 0.00 ? 22 DA B "H1'"  1 
ATOM 706 H H8     . DA B 1 10 ? 5.206   9.020   10.452  1.00 0.00 ? 22 DA B H8     1 
ATOM 707 H H61    . DA B 1 10 ? 7.893   12.374  6.012   1.00 0.00 ? 22 DA B H61    1 
ATOM 708 H H62    . DA B 1 10 ? 6.399   12.067  6.871   1.00 0.00 ? 22 DA B H62    1 
ATOM 709 H H2     . DA B 1 10 ? 10.749  9.145   7.214   1.00 0.00 ? 22 DA B H2     1 
ATOM 710 P P      . DA B 1 11 ? 9.206   5.617   13.855  1.00 0.00 ? 23 DA B P      1 
ATOM 711 O OP1    . DA B 1 11 ? 10.148  4.502   14.100  1.00 0.00 ? 23 DA B OP1    1 
ATOM 712 O OP2    . DA B 1 11 ? 8.338   6.100   14.952  1.00 0.00 ? 23 DA B OP2    1 
ATOM 713 O "O5'"  . DA B 1 11 ? 10.046  6.871   13.289  1.00 0.00 ? 23 DA B "O5'"  1 
ATOM 714 C "C5'"  . DA B 1 11 ? 11.038  6.705   12.293  1.00 0.00 ? 23 DA B "C5'"  1 
ATOM 715 C "C4'"  . DA B 1 11 ? 11.503  8.077   11.797  1.00 0.00 ? 23 DA B "C4'"  1 
ATOM 716 O "O4'"  . DA B 1 11 ? 10.393  8.827   11.328  1.00 0.00 ? 23 DA B "O4'"  1 
ATOM 717 C "C3'"  . DA B 1 11 ? 12.176  8.888   12.913  1.00 0.00 ? 23 DA B "C3'"  1 
ATOM 718 O "O3'"  . DA B 1 11 ? 13.424  9.368   12.433  1.00 0.00 ? 23 DA B "O3'"  1 
ATOM 719 C "C2'"  . DA B 1 11 ? 11.162  10.003  13.171  1.00 0.00 ? 23 DA B "C2'"  1 
ATOM 720 C "C1'"  . DA B 1 11 ? 10.525  10.154  11.794  1.00 0.00 ? 23 DA B "C1'"  1 
ATOM 721 N N9     . DA B 1 11 ? 9.205   10.826  11.802  1.00 0.00 ? 23 DA B N9     1 
ATOM 722 C C8     . DA B 1 11 ? 8.131   10.624  12.634  1.00 0.00 ? 23 DA B C8     1 
ATOM 723 N N7     . DA B 1 11 ? 7.081   11.339  12.342  1.00 0.00 ? 23 DA B N7     1 
ATOM 724 C C5     . DA B 1 11 ? 7.483   12.075  11.236  1.00 0.00 ? 23 DA B C5     1 
ATOM 725 C C6     . DA B 1 11 ? 6.836   13.042  10.438  1.00 0.00 ? 23 DA B C6     1 
ATOM 726 N N6     . DA B 1 11 ? 5.577   13.436  10.655  1.00 0.00 ? 23 DA B N6     1 
ATOM 727 N N1     . DA B 1 11 ? 7.524   13.604  9.427   1.00 0.00 ? 23 DA B N1     1 
ATOM 728 C C2     . DA B 1 11 ? 8.780   13.220  9.209   1.00 0.00 ? 23 DA B C2     1 
ATOM 729 N N3     . DA B 1 11 ? 9.496   12.320  9.878   1.00 0.00 ? 23 DA B N3     1 
ATOM 730 C C4     . DA B 1 11 ? 8.780   11.774  10.899  1.00 0.00 ? 23 DA B C4     1 
ATOM 731 H "H5'"  . DA B 1 11 ? 10.643  6.137   11.450  1.00 0.00 ? 23 DA B "H5'"  1 
ATOM 732 H "H5''" . DA B 1 11 ? 11.888  6.161   12.704  1.00 0.00 ? 23 DA B "H5''" 1 
ATOM 733 H "H4'"  . DA B 1 11 ? 12.199  7.930   10.971  1.00 0.00 ? 23 DA B "H4'"  1 
ATOM 734 H "H3'"  . DA B 1 11 ? 12.318  8.275   13.803  1.00 0.00 ? 23 DA B "H3'"  1 
ATOM 735 H "H2'"  . DA B 1 11 ? 10.434  9.642   13.899  1.00 0.00 ? 23 DA B "H2'"  1 
ATOM 736 H "H2''" . DA B 1 11 ? 11.617  10.925  13.527  1.00 0.00 ? 23 DA B "H2''" 1 
ATOM 737 H "H1'"  . DA B 1 11 ? 11.212  10.703  11.153  1.00 0.00 ? 23 DA B "H1'"  1 
ATOM 738 H H8     . DA B 1 11 ? 8.140   9.930   13.462  1.00 0.00 ? 23 DA B H8     1 
ATOM 739 H H61    . DA B 1 11 ? 5.160   14.153  10.077  1.00 0.00 ? 23 DA B H61    1 
ATOM 740 H H62    . DA B 1 11 ? 5.054   13.029  11.416  1.00 0.00 ? 23 DA B H62    1 
ATOM 741 H H2     . DA B 1 11 ? 9.284   13.704  8.386   1.00 0.00 ? 23 DA B H2     1 
ATOM 742 P P      . DC B 1 12 ? 14.490  10.131  13.381  1.00 0.00 ? 24 DC B P      1 
ATOM 743 O OP1    . DC B 1 12 ? 15.828  9.546   13.143  1.00 0.00 ? 24 DC B OP1    1 
ATOM 744 O OP2    . DC B 1 12 ? 13.947  10.194  14.757  1.00 0.00 ? 24 DC B OP2    1 
ATOM 745 O "O5'"  . DC B 1 12 ? 14.472  11.620  12.770  1.00 0.00 ? 24 DC B "O5'"  1 
ATOM 746 C "C5'"  . DC B 1 12 ? 15.203  11.957  11.603  1.00 0.00 ? 24 DC B "C5'"  1 
ATOM 747 C "C4'"  . DC B 1 12 ? 14.662  13.279  11.051  1.00 0.00 ? 24 DC B "C4'"  1 
ATOM 748 O "O4'"  . DC B 1 12 ? 13.254  13.214  10.931  1.00 0.00 ? 24 DC B "O4'"  1 
ATOM 749 C "C3'"  . DC B 1 12 ? 14.959  14.463  11.976  1.00 0.00 ? 24 DC B "C3'"  1 
ATOM 750 O "O3'"  . DC B 1 12 ? 16.080  15.198  11.527  1.00 0.00 ? 24 DC B "O3'"  1 
ATOM 751 C "C2'"  . DC B 1 12 ? 13.689  15.306  11.917  1.00 0.00 ? 24 DC B "C2'"  1 
ATOM 752 C "C1'"  . DC B 1 12 ? 12.757  14.536  10.981  1.00 0.00 ? 24 DC B "C1'"  1 
ATOM 753 N N1     . DC B 1 12 ? 11.366  14.555  11.509  1.00 0.00 ? 24 DC B N1     1 
ATOM 754 C C2     . DC B 1 12 ? 10.422  15.403  10.929  1.00 0.00 ? 24 DC B C2     1 
ATOM 755 O O2     . DC B 1 12 ? 10.685  16.064  9.926   1.00 0.00 ? 24 DC B O2     1 
ATOM 756 N N3     . DC B 1 12 ? 9.182   15.476  11.492  1.00 0.00 ? 24 DC B N3     1 
ATOM 757 C C4     . DC B 1 12 ? 8.869   14.764  12.584  1.00 0.00 ? 24 DC B C4     1 
ATOM 758 N N4     . DC B 1 12 ? 7.631   14.860  13.079  1.00 0.00 ? 24 DC B N4     1 
ATOM 759 C C5     . DC B 1 12 ? 9.824   13.883  13.197  1.00 0.00 ? 24 DC B C5     1 
ATOM 760 C C6     . DC B 1 12 ? 11.048  13.815  12.623  1.00 0.00 ? 24 DC B C6     1 
ATOM 761 H "H5'"  . DC B 1 12 ? 15.106  11.183  10.839  1.00 0.00 ? 24 DC B "H5'"  1 
ATOM 762 H "H5''" . DC B 1 12 ? 16.261  12.064  11.849  1.00 0.00 ? 24 DC B "H5''" 1 
ATOM 763 H "H4'"  . DC B 1 12 ? 15.088  13.471  10.064  1.00 0.00 ? 24 DC B "H4'"  1 
ATOM 764 H "H3'"  . DC B 1 12 ? 15.118  14.128  13.002  1.00 0.00 ? 24 DC B "H3'"  1 
ATOM 765 H "HO3'" . DC B 1 12 ? 15.915  15.487  10.627  1.00 0.00 ? 24 DC B "HO3'" 1 
ATOM 766 H "H2'"  . DC B 1 12 ? 13.268  15.377  12.919  1.00 0.00 ? 24 DC B "H2'"  1 
ATOM 767 H "H2''" . DC B 1 12 ? 13.870  16.308  11.532  1.00 0.00 ? 24 DC B "H2''" 1 
ATOM 768 H "H1'"  . DC B 1 12 ? 12.841  14.955  9.979   1.00 0.00 ? 24 DC B "H1'"  1 
ATOM 769 H H41    . DC B 1 12 ? 6.959   15.456  12.615  1.00 0.00 ? 24 DC B H41    1 
ATOM 770 H H42    . DC B 1 12 ? 7.357   14.310  13.879  1.00 0.00 ? 24 DC B H42    1 
ATOM 771 H H5     . DC B 1 12 ? 9.610   13.284  14.071  1.00 0.00 ? 24 DC B H5     1 
ATOM 772 H H6     . DC B 1 12 ? 11.807  13.185  13.060  1.00 0.00 ? 24 DC B H6     1 
# 
